data_8SX8
#
_entry.id   8SX8
#
_cell.length_a   1.00
_cell.length_b   1.00
_cell.length_c   1.00
_cell.angle_alpha   90.00
_cell.angle_beta   90.00
_cell.angle_gamma   90.00
#
_symmetry.space_group_name_H-M   'P 1'
#
loop_
_entity.id
_entity.type
_entity.pdbx_description
1 polymer 'Multidrug resistance-associated protein 4'
2 non-polymer '7-[(1R,3R)-3-hydroxy-2-[(1E,3S)-3-hydroxyoct-1-en-1-yl]-5-oxocyclopentyl]heptanoic acid'
3 water water
#
_entity_poly.entity_id   1
_entity_poly.type   'polypeptide(L)'
_entity_poly.pdbx_seq_one_letter_code
;MQPVYPEVKPNPLRNANLCSRIFFWWLNPLFKIGHKRRLEEDDMYSVLPEDRSQHLGEELQGYWDQEVLRAEKDAREPSL
TKAIIKCYWKSYVVLGIFTLIEESTRVVQPIILGKIIGYFENYDPSDSAALYEAHGYAGVLSACTLVLAILHHLYFYHVQ
CAGMRLRVAMCHMIYRKALRLSNSAMGKTTTGQIVNLLSNDVNKFDQVTIFLHFLWAGPLQAIVVTALLWMEIGISCLAG
MAVLIILLPLQSCIGKLFSSLRSKTAAFTDTRIRTMNEVITGIRIIKMYAWEKSFADLITNLRRKEISKILRSSYLRGMN
LASFFVASKIIVFVTFTTYVFLGNVITASRVFVAVSLYGAVRLTVTLFFPSAVEKVSEAFVSIRRIKNFLLLDEITQLHS
QLPSDGKMIVNVQDFTAFWDKASDTPTLQSLSFTVRPGELLAVVGPVGAGKSSLLSAVLGELPPNQGQVSVHGRIAYVSQ
QPWVFSGTVRSNILFGKKYEKERYEKVIKACALKKDLQLLEDGDLTMIGDRGTTLSGGQKARVNLARAVYQDADIYLLDD
PLSAVDAEVSRHLFELCICQALHEKIRILVTHQLQYLKAASQILILKDGQMVQKGTYTEFLKSGIDFGSLLKKENEEAEP
SPVPGSPTLRNRTFSESSVWSQQSSRPSLKEATPEGQDTENIQVTLTEESRSEGKVGFKAYKNYFTAGAHWFIIIFLILV
NLAAQVSYILQDWWLSYWANQQSALNVTVNGQGNVTEKLDLNWYLGIYSGLTASTVLFGIVRSLLVFFVLVSSSQTLHNQ
MFESILRAPVLFFDRNPIGRILNRFSKDIGHMDDLLPLTYLDFIQTFLQVIGVVGVAVAVIPWIAIPLVPLGIVFFVLRR
YFLETSRDVKRLESTTRSPVFSHLSSSLQGLWTIRAYKAEQRFQELFDSHQDLHSEAWFLFLTTSRWFAVRLDAICAVFV
IVVAFGSLILAKTLDAGQVGLALSYALTLMGMFQWCVRQSAEVENMMISVERVIEYTDLEKEAPWEYQKRPLPSWPHEGV
IIFDNVNFSYSLDGPLVLKHLTALIKSKEKVGIVGRTGAGKSSLIAALFRLSEPEGKIWIDKILTTEIGLHDLRKKMSII
PQEPVLFTGTMRKNLDPFNEHSDEELWNALEEVQLKEAIEDLPGKMDTELAESGSNFSVGQRQLVCLARAILRKNRILII
DEATANVDPRTDELIQKKIREKFAHCTVLTIAHRLNTIIDSDKIMVLDSGRLKEYDEPYVLLQNRDSLFYKMVQQLGKAE
AAALTETAKQVYFKRNYPDITHNGHVVMNASSGQPSAFTIFETAL
;
_entity_poly.pdbx_strand_id   A
#
loop_
_chem_comp.id
_chem_comp.type
_chem_comp.name
_chem_comp.formula
XPG non-polymer '7-[(1R,3R)-3-hydroxy-2-[(1E,3S)-3-hydroxyoct-1-en-1-yl]-5-oxocyclopentyl]heptanoic acid' 'C20 H34 O5'
#
# COMPACT_ATOMS: atom_id res chain seq x y z
N PHE A 23 -3.43 -25.57 25.54
CA PHE A 23 -2.69 -24.72 26.45
C PHE A 23 -1.35 -24.30 25.82
N PHE A 24 -1.04 -24.89 24.67
CA PHE A 24 0.07 -24.45 23.82
C PHE A 24 1.44 -24.50 24.50
N TRP A 25 1.61 -25.45 25.41
CA TRP A 25 2.83 -25.56 26.21
C TRP A 25 4.10 -25.56 25.38
N TRP A 26 4.03 -26.09 24.15
CA TRP A 26 5.21 -26.19 23.29
C TRP A 26 5.86 -24.84 22.98
N LEU A 27 5.17 -23.73 23.23
CA LEU A 27 5.78 -22.41 23.07
C LEU A 27 6.62 -22.00 24.28
N ASN A 28 6.36 -22.56 25.46
CA ASN A 28 7.04 -22.10 26.67
C ASN A 28 8.54 -21.93 26.50
N PRO A 29 9.29 -22.89 25.94
CA PRO A 29 10.73 -22.64 25.74
C PRO A 29 11.02 -21.48 24.80
N LEU A 30 10.19 -21.25 23.78
CA LEU A 30 10.39 -20.09 22.91
C LEU A 30 10.21 -18.76 23.65
N PHE A 31 9.26 -18.68 24.59
CA PHE A 31 9.19 -17.49 25.44
C PHE A 31 10.46 -17.31 26.26
N LYS A 32 10.97 -18.39 26.84
CA LYS A 32 12.24 -18.32 27.56
C LYS A 32 13.36 -17.81 26.65
N ILE A 33 13.46 -18.39 25.45
CA ILE A 33 14.44 -17.93 24.47
C ILE A 33 14.23 -16.46 24.12
N GLY A 34 12.99 -16.05 23.93
CA GLY A 34 12.66 -14.67 23.60
C GLY A 34 12.77 -13.68 24.73
N HIS A 35 13.19 -14.12 25.92
CA HIS A 35 13.48 -13.22 27.03
C HIS A 35 14.98 -13.17 27.31
N LYS A 36 15.67 -14.29 27.11
CA LYS A 36 17.13 -14.35 27.08
C LYS A 36 17.71 -13.64 25.87
N ARG A 37 16.99 -13.64 24.74
CA ARG A 37 17.42 -13.05 23.48
C ARG A 37 16.28 -12.29 22.83
N ARG A 38 16.62 -11.46 21.84
CA ARG A 38 15.66 -11.06 20.82
C ARG A 38 15.35 -12.26 19.91
N LEU A 39 14.07 -12.45 19.59
CA LEU A 39 13.68 -13.49 18.64
C LEU A 39 14.05 -13.12 17.21
N GLU A 40 14.41 -14.14 16.42
CA GLU A 40 14.85 -14.00 15.04
C GLU A 40 14.14 -15.01 14.15
N GLU A 41 14.20 -14.74 12.84
CA GLU A 41 13.38 -15.43 11.85
C GLU A 41 13.59 -16.95 11.85
N ASP A 42 14.77 -17.44 12.21
CA ASP A 42 15.00 -18.89 12.29
C ASP A 42 14.30 -19.55 13.46
N ASP A 43 13.83 -18.80 14.45
CA ASP A 43 13.39 -19.39 15.71
C ASP A 43 11.97 -19.95 15.69
N MET A 44 11.10 -19.46 14.81
CA MET A 44 9.71 -19.90 14.78
C MET A 44 9.54 -21.33 14.26
N TYR A 45 8.63 -22.07 14.89
CA TYR A 45 8.28 -23.44 14.49
C TYR A 45 7.55 -23.50 13.16
N SER A 46 7.96 -24.44 12.31
CA SER A 46 7.32 -24.62 11.01
C SER A 46 5.91 -25.20 11.15
N VAL A 47 5.04 -24.79 10.22
CA VAL A 47 3.68 -25.37 10.09
C VAL A 47 3.75 -26.81 9.59
N LEU A 48 2.64 -27.54 9.78
CA LEU A 48 2.55 -28.91 9.33
C LEU A 48 2.84 -29.05 7.83
N PRO A 49 3.36 -30.21 7.40
CA PRO A 49 3.40 -30.50 5.95
C PRO A 49 2.04 -30.43 5.29
N GLU A 50 0.97 -30.65 6.06
CA GLU A 50 -0.41 -30.56 5.61
C GLU A 50 -0.85 -29.15 5.23
N ASP A 51 -0.19 -28.11 5.72
CA ASP A 51 -0.50 -26.72 5.37
C ASP A 51 0.46 -26.11 4.36
N ARG A 52 1.37 -26.89 3.79
CA ARG A 52 2.28 -26.37 2.79
C ARG A 52 1.53 -25.74 1.63
N SER A 53 1.88 -24.49 1.28
CA SER A 53 1.12 -23.73 0.29
C SER A 53 0.96 -24.47 -1.04
N GLN A 54 1.99 -25.20 -1.46
CA GLN A 54 1.89 -25.99 -2.69
C GLN A 54 0.71 -26.94 -2.65
N HIS A 55 0.57 -27.72 -1.59
CA HIS A 55 -0.55 -28.63 -1.48
C HIS A 55 -1.86 -27.88 -1.29
N LEU A 56 -1.83 -26.86 -0.43
CA LEU A 56 -3.04 -26.19 0.02
C LEU A 56 -3.77 -25.45 -1.10
N GLY A 57 -3.04 -24.93 -2.09
CA GLY A 57 -3.68 -24.33 -3.25
C GLY A 57 -4.31 -25.32 -4.21
N GLU A 58 -3.65 -26.44 -4.47
CA GLU A 58 -4.18 -27.44 -5.39
C GLU A 58 -5.53 -27.99 -4.96
N GLU A 59 -5.80 -28.05 -3.66
CA GLU A 59 -7.10 -28.53 -3.20
C GLU A 59 -8.24 -27.65 -3.69
N LEU A 60 -8.07 -26.32 -3.68
CA LEU A 60 -9.12 -25.44 -4.21
C LEU A 60 -9.09 -25.31 -5.73
N GLN A 61 -7.92 -25.34 -6.35
CA GLN A 61 -7.83 -25.30 -7.81
C GLN A 61 -8.61 -26.45 -8.44
N GLY A 62 -8.50 -27.65 -7.88
CA GLY A 62 -9.23 -28.78 -8.42
C GLY A 62 -10.74 -28.57 -8.48
N TYR A 63 -11.33 -28.11 -7.38
CA TYR A 63 -12.77 -27.86 -7.38
C TYR A 63 -13.16 -26.63 -8.20
N TRP A 64 -12.25 -25.68 -8.44
CA TRP A 64 -12.56 -24.64 -9.42
C TRP A 64 -12.61 -25.18 -10.84
N ASP A 65 -11.68 -26.07 -11.20
CA ASP A 65 -11.79 -26.75 -12.49
C ASP A 65 -13.13 -27.44 -12.65
N GLN A 66 -13.49 -28.26 -11.67
CA GLN A 66 -14.77 -28.98 -11.73
C GLN A 66 -15.94 -28.00 -11.88
N GLU A 67 -15.96 -26.94 -11.08
CA GLU A 67 -17.03 -25.95 -11.17
C GLU A 67 -17.10 -25.29 -12.54
N VAL A 68 -15.97 -24.94 -13.13
CA VAL A 68 -15.99 -24.40 -14.49
C VAL A 68 -16.61 -25.40 -15.46
N LEU A 69 -16.25 -26.68 -15.35
CA LEU A 69 -16.88 -27.70 -16.19
C LEU A 69 -18.40 -27.71 -16.03
N ARG A 70 -18.88 -27.89 -14.80
CA ARG A 70 -20.32 -27.89 -14.56
C ARG A 70 -21.01 -26.66 -15.14
N ALA A 71 -20.58 -25.47 -14.71
CA ALA A 71 -21.17 -24.25 -15.23
C ALA A 71 -21.18 -24.22 -16.75
N GLU A 72 -20.12 -24.73 -17.38
CA GLU A 72 -20.10 -24.84 -18.84
C GLU A 72 -21.25 -25.68 -19.36
N LYS A 73 -21.32 -26.94 -18.92
CA LYS A 73 -22.39 -27.82 -19.39
C LYS A 73 -23.78 -27.25 -19.11
N ASP A 74 -23.98 -26.64 -17.95
CA ASP A 74 -25.22 -25.92 -17.68
C ASP A 74 -25.37 -24.65 -18.50
N ALA A 75 -24.33 -24.22 -19.21
CA ALA A 75 -24.35 -22.97 -19.97
C ALA A 75 -24.66 -21.78 -19.06
N ARG A 76 -23.96 -21.72 -17.94
CA ARG A 76 -24.16 -20.72 -16.90
C ARG A 76 -22.81 -20.18 -16.44
N GLU A 77 -22.87 -19.02 -15.81
CA GLU A 77 -21.73 -18.45 -15.12
C GLU A 77 -21.29 -19.34 -13.96
N PRO A 78 -20.00 -19.64 -13.81
CA PRO A 78 -19.54 -20.40 -12.65
C PRO A 78 -19.59 -19.53 -11.40
N SER A 79 -19.66 -20.19 -10.24
CA SER A 79 -19.66 -19.50 -8.96
C SER A 79 -18.44 -19.91 -8.14
N LEU A 80 -17.55 -18.95 -7.88
CA LEU A 80 -16.42 -19.24 -6.99
C LEU A 80 -16.89 -19.54 -5.58
N THR A 81 -18.02 -18.98 -5.15
CA THR A 81 -18.58 -19.39 -3.86
C THR A 81 -18.90 -20.89 -3.84
N LYS A 82 -19.32 -21.44 -4.98
CA LYS A 82 -19.57 -22.87 -5.06
C LYS A 82 -18.29 -23.68 -4.85
N ALA A 83 -17.24 -23.34 -5.58
CA ALA A 83 -15.96 -24.03 -5.38
C ALA A 83 -15.51 -23.97 -3.93
N ILE A 84 -15.54 -22.79 -3.31
CA ILE A 84 -15.01 -22.68 -1.95
C ILE A 84 -15.81 -23.53 -0.96
N ILE A 85 -17.14 -23.52 -1.04
CA ILE A 85 -17.91 -24.39 -0.15
C ILE A 85 -17.61 -25.86 -0.42
N LYS A 86 -17.75 -26.30 -1.67
CA LYS A 86 -17.39 -27.68 -2.02
C LYS A 86 -15.95 -28.04 -1.72
N CYS A 87 -15.10 -27.08 -1.37
CA CYS A 87 -13.73 -27.40 -0.99
C CYS A 87 -13.59 -27.56 0.52
N TYR A 88 -14.03 -26.57 1.31
CA TYR A 88 -13.76 -26.52 2.75
C TYR A 88 -14.90 -27.01 3.64
N TRP A 89 -16.09 -27.27 3.12
CA TRP A 89 -17.25 -27.44 4.01
C TRP A 89 -17.08 -28.61 4.98
N LYS A 90 -16.51 -29.72 4.52
CA LYS A 90 -16.35 -30.89 5.40
C LYS A 90 -15.64 -30.54 6.71
N SER A 91 -14.48 -29.90 6.61
CA SER A 91 -13.70 -29.59 7.80
C SER A 91 -14.37 -28.53 8.67
N TYR A 92 -14.83 -27.45 8.08
CA TYR A 92 -15.35 -26.34 8.86
C TYR A 92 -16.66 -26.63 9.57
N VAL A 93 -17.50 -27.55 9.07
CA VAL A 93 -18.72 -27.84 9.82
C VAL A 93 -18.48 -28.68 11.07
N VAL A 94 -17.29 -29.28 11.22
CA VAL A 94 -16.98 -30.01 12.45
C VAL A 94 -16.89 -29.07 13.65
N LEU A 95 -16.26 -27.91 13.47
CA LEU A 95 -16.04 -26.95 14.56
C LEU A 95 -17.34 -26.47 15.20
N GLY A 96 -18.49 -26.68 14.56
CA GLY A 96 -19.74 -26.31 15.19
C GLY A 96 -20.01 -27.08 16.47
N ILE A 97 -19.31 -28.18 16.70
CA ILE A 97 -19.46 -28.92 17.94
C ILE A 97 -18.98 -28.10 19.14
N PHE A 98 -17.86 -27.38 18.99
CA PHE A 98 -17.44 -26.46 20.05
C PHE A 98 -18.47 -25.37 20.27
N THR A 99 -18.95 -24.75 19.19
CA THR A 99 -19.99 -23.72 19.33
C THR A 99 -21.18 -24.24 20.13
N LEU A 100 -21.62 -25.45 19.83
CA LEU A 100 -22.78 -25.99 20.53
C LEU A 100 -22.52 -26.14 22.02
N ILE A 101 -21.36 -26.67 22.40
CA ILE A 101 -21.07 -26.90 23.82
C ILE A 101 -20.69 -25.61 24.53
N GLU A 102 -20.02 -24.69 23.85
CA GLU A 102 -19.79 -23.35 24.39
C GLU A 102 -21.11 -22.68 24.72
N GLU A 103 -21.99 -22.56 23.74
CA GLU A 103 -23.25 -21.86 23.94
C GLU A 103 -24.19 -22.62 24.88
N SER A 104 -24.08 -23.95 24.94
CA SER A 104 -24.80 -24.68 25.98
C SER A 104 -24.32 -24.32 27.38
N THR A 105 -23.03 -24.13 27.56
CA THR A 105 -22.50 -23.75 28.86
C THR A 105 -22.94 -22.34 29.27
N ARG A 106 -22.93 -21.39 28.33
CA ARG A 106 -23.37 -20.02 28.62
C ARG A 106 -24.82 -19.94 29.11
N VAL A 107 -25.70 -20.82 28.64
CA VAL A 107 -27.06 -20.84 29.18
C VAL A 107 -27.20 -21.67 30.45
N VAL A 108 -26.32 -22.64 30.68
CA VAL A 108 -26.34 -23.40 31.93
C VAL A 108 -25.88 -22.53 33.09
N GLN A 109 -24.75 -21.85 32.91
CA GLN A 109 -24.09 -21.12 33.98
C GLN A 109 -24.98 -20.13 34.74
N PRO A 110 -25.85 -19.33 34.08
CA PRO A 110 -26.81 -18.52 34.83
C PRO A 110 -27.80 -19.29 35.70
N ILE A 111 -28.18 -20.50 35.33
CA ILE A 111 -29.18 -21.24 36.12
C ILE A 111 -28.56 -21.71 37.44
N ILE A 112 -27.29 -22.11 37.41
CA ILE A 112 -26.55 -22.38 38.64
C ILE A 112 -26.40 -21.12 39.48
N LEU A 113 -26.03 -20.01 38.86
CA LEU A 113 -25.96 -18.74 39.58
C LEU A 113 -27.26 -18.43 40.31
N GLY A 114 -28.39 -18.73 39.71
CA GLY A 114 -29.66 -18.59 40.41
C GLY A 114 -29.72 -19.36 41.72
N LYS A 115 -29.12 -20.55 41.76
CA LYS A 115 -29.12 -21.32 42.99
C LYS A 115 -28.18 -20.77 44.06
N ILE A 116 -27.01 -20.24 43.68
CA ILE A 116 -26.15 -19.62 44.68
C ILE A 116 -26.85 -18.44 45.34
N ILE A 117 -27.40 -17.53 44.55
CA ILE A 117 -28.07 -16.37 45.14
C ILE A 117 -29.27 -16.82 45.97
N GLY A 118 -29.91 -17.93 45.58
CA GLY A 118 -30.97 -18.48 46.40
C GLY A 118 -30.54 -18.78 47.82
N TYR A 119 -29.34 -19.35 47.99
CA TYR A 119 -28.82 -19.62 49.33
C TYR A 119 -28.69 -18.35 50.17
N PHE A 120 -28.41 -17.20 49.54
CA PHE A 120 -28.45 -15.94 50.27
C PHE A 120 -29.88 -15.48 50.56
N GLU A 121 -30.75 -15.51 49.55
CA GLU A 121 -32.10 -15.00 49.75
C GLU A 121 -32.81 -15.71 50.91
N ASN A 122 -32.56 -17.00 51.09
CA ASN A 122 -33.14 -17.79 52.17
C ASN A 122 -32.14 -18.09 53.30
N TYR A 123 -31.05 -17.34 53.38
CA TYR A 123 -29.94 -17.62 54.30
C TYR A 123 -30.37 -17.75 55.75
N ASP A 124 -29.70 -18.65 56.47
CA ASP A 124 -29.57 -18.62 57.93
C ASP A 124 -28.20 -19.19 58.30
N PRO A 125 -27.48 -18.58 59.25
CA PRO A 125 -26.18 -19.14 59.66
C PRO A 125 -26.21 -20.54 60.26
N SER A 126 -27.35 -21.03 60.74
CA SER A 126 -27.38 -22.30 61.46
C SER A 126 -27.28 -23.54 60.57
N ASP A 127 -27.63 -23.46 59.30
CA ASP A 127 -27.84 -24.65 58.47
C ASP A 127 -26.55 -25.12 57.81
N SER A 128 -25.97 -26.19 58.37
CA SER A 128 -24.74 -26.78 57.82
C SER A 128 -24.96 -27.35 56.42
N ALA A 129 -26.07 -28.08 56.23
CA ALA A 129 -26.32 -28.71 54.94
C ALA A 129 -26.45 -27.69 53.81
N ALA A 130 -27.14 -26.58 54.08
CA ALA A 130 -27.22 -25.52 53.08
C ALA A 130 -25.83 -24.97 52.76
N LEU A 131 -25.04 -24.69 53.79
CA LEU A 131 -23.69 -24.17 53.57
C LEU A 131 -22.88 -25.12 52.70
N TYR A 132 -23.03 -26.43 52.92
CA TYR A 132 -22.35 -27.40 52.06
C TYR A 132 -22.94 -27.40 50.66
N GLU A 133 -24.26 -27.33 50.53
CA GLU A 133 -24.86 -27.28 49.20
C GLU A 133 -24.32 -26.12 48.39
N ALA A 134 -24.33 -24.92 48.97
CA ALA A 134 -23.90 -23.75 48.20
C ALA A 134 -22.48 -23.92 47.68
N HIS A 135 -21.58 -24.45 48.51
CA HIS A 135 -20.23 -24.76 48.05
C HIS A 135 -20.23 -25.68 46.84
N GLY A 136 -21.09 -26.68 46.85
CA GLY A 136 -21.21 -27.53 45.68
C GLY A 136 -21.52 -26.76 44.40
N TYR A 137 -22.52 -25.89 44.44
CA TYR A 137 -22.78 -25.05 43.28
C TYR A 137 -21.62 -24.12 42.95
N ALA A 138 -20.94 -23.60 43.97
CA ALA A 138 -19.77 -22.76 43.69
C ALA A 138 -18.70 -23.53 42.93
N GLY A 139 -18.54 -24.82 43.25
CA GLY A 139 -17.68 -25.67 42.45
C GLY A 139 -18.16 -25.88 41.03
N VAL A 140 -19.45 -26.13 40.85
CA VAL A 140 -20.01 -26.27 39.50
C VAL A 140 -19.90 -24.97 38.70
N LEU A 141 -20.22 -23.83 39.32
CA LEU A 141 -20.04 -22.55 38.65
C LEU A 141 -18.58 -22.31 38.26
N SER A 142 -17.65 -22.67 39.13
CA SER A 142 -16.24 -22.58 38.79
C SER A 142 -15.85 -23.56 37.68
N ALA A 143 -16.41 -24.77 37.71
CA ALA A 143 -16.17 -25.74 36.64
C ALA A 143 -16.70 -25.26 35.30
N CYS A 144 -17.94 -24.78 35.26
CA CYS A 144 -18.48 -24.21 34.03
C CYS A 144 -17.54 -23.15 33.45
N THR A 145 -17.04 -22.28 34.31
CA THR A 145 -16.17 -21.19 33.86
C THR A 145 -14.91 -21.71 33.18
N LEU A 146 -14.28 -22.73 33.75
CA LEU A 146 -13.07 -23.29 33.14
C LEU A 146 -13.38 -24.09 31.87
N VAL A 147 -14.49 -24.82 31.83
CA VAL A 147 -14.89 -25.49 30.60
C VAL A 147 -15.13 -24.48 29.50
N LEU A 148 -15.89 -23.43 29.81
CA LEU A 148 -16.19 -22.38 28.83
C LEU A 148 -14.93 -21.66 28.37
N ALA A 149 -14.00 -21.39 29.29
CA ALA A 149 -12.75 -20.75 28.90
C ALA A 149 -11.98 -21.56 27.87
N ILE A 150 -11.91 -22.89 28.03
CA ILE A 150 -11.13 -23.68 27.09
C ILE A 150 -11.86 -23.87 25.76
N LEU A 151 -13.19 -24.04 25.80
CA LEU A 151 -13.95 -24.15 24.55
C LEU A 151 -13.90 -22.86 23.74
N HIS A 152 -14.01 -21.72 24.39
CA HIS A 152 -13.81 -20.45 23.69
C HIS A 152 -12.49 -20.43 22.95
N HIS A 153 -11.43 -20.89 23.59
CA HIS A 153 -10.11 -20.89 22.99
C HIS A 153 -9.89 -21.97 21.94
N LEU A 154 -10.48 -23.15 22.13
CA LEU A 154 -10.38 -24.17 21.08
C LEU A 154 -11.16 -23.77 19.84
N TYR A 155 -12.33 -23.17 19.99
CA TYR A 155 -13.06 -22.69 18.81
C TYR A 155 -12.31 -21.56 18.10
N PHE A 156 -12.09 -20.44 18.79
CA PHE A 156 -11.51 -19.26 18.13
C PHE A 156 -10.12 -19.52 17.57
N TYR A 157 -9.35 -20.45 18.15
CA TYR A 157 -8.09 -20.79 17.52
C TYR A 157 -8.28 -21.57 16.23
N HIS A 158 -9.23 -22.49 16.17
CA HIS A 158 -9.40 -23.26 14.95
C HIS A 158 -10.03 -22.47 13.80
N VAL A 159 -11.03 -21.63 14.06
CA VAL A 159 -11.57 -20.87 12.95
C VAL A 159 -10.56 -19.89 12.38
N GLN A 160 -9.69 -19.32 13.20
CA GLN A 160 -8.65 -18.47 12.63
C GLN A 160 -7.66 -19.25 11.78
N CYS A 161 -7.41 -20.52 12.07
CA CYS A 161 -6.56 -21.32 11.19
C CYS A 161 -7.28 -21.78 9.92
N ALA A 162 -8.58 -22.05 9.98
CA ALA A 162 -9.36 -22.27 8.76
C ALA A 162 -9.35 -21.03 7.85
N GLY A 163 -9.51 -19.85 8.44
CA GLY A 163 -9.38 -18.62 7.67
C GLY A 163 -8.00 -18.44 7.03
N MET A 164 -6.93 -18.71 7.77
CA MET A 164 -5.60 -18.60 7.18
C MET A 164 -5.39 -19.57 6.02
N ARG A 165 -5.88 -20.80 6.12
CA ARG A 165 -5.76 -21.73 5.00
C ARG A 165 -6.43 -21.19 3.74
N LEU A 166 -7.65 -20.66 3.88
CA LEU A 166 -8.36 -20.12 2.73
C LEU A 166 -7.58 -19.03 2.02
N ARG A 167 -7.01 -18.10 2.79
CA ARG A 167 -6.17 -17.06 2.19
C ARG A 167 -4.98 -17.64 1.45
N VAL A 168 -4.29 -18.63 2.02
CA VAL A 168 -3.13 -19.18 1.33
C VAL A 168 -3.53 -19.86 0.03
N ALA A 169 -4.61 -20.65 0.06
CA ALA A 169 -5.09 -21.27 -1.18
C ALA A 169 -5.44 -20.22 -2.21
N MET A 170 -6.12 -19.16 -1.80
CA MET A 170 -6.44 -18.07 -2.70
C MET A 170 -5.20 -17.51 -3.38
N CYS A 171 -4.19 -17.14 -2.60
CA CYS A 171 -3.05 -16.46 -3.18
C CYS A 171 -2.24 -17.39 -4.08
N HIS A 172 -2.23 -18.68 -3.80
CA HIS A 172 -1.64 -19.61 -4.75
C HIS A 172 -2.39 -19.60 -6.09
N MET A 173 -3.72 -19.62 -6.05
CA MET A 173 -4.49 -19.59 -7.30
C MET A 173 -4.29 -18.28 -8.05
N ILE A 174 -4.38 -17.15 -7.35
CA ILE A 174 -4.20 -15.86 -8.02
C ILE A 174 -2.85 -15.81 -8.71
N TYR A 175 -1.81 -16.30 -8.04
CA TYR A 175 -0.51 -16.34 -8.69
C TYR A 175 -0.49 -17.32 -9.85
N ARG A 176 -1.07 -18.51 -9.69
CA ARG A 176 -1.09 -19.48 -10.78
C ARG A 176 -1.69 -18.89 -12.04
N LYS A 177 -2.83 -18.21 -11.91
CA LYS A 177 -3.46 -17.61 -13.09
C LYS A 177 -2.58 -16.52 -13.69
N ALA A 178 -2.09 -15.61 -12.85
CA ALA A 178 -1.36 -14.44 -13.33
C ALA A 178 -0.14 -14.81 -14.17
N LEU A 179 0.51 -15.94 -13.88
CA LEU A 179 1.61 -16.39 -14.73
C LEU A 179 1.20 -16.54 -16.20
N ARG A 180 -0.04 -16.97 -16.45
CA ARG A 180 -0.50 -17.41 -17.76
C ARG A 180 -1.42 -16.42 -18.46
N LEU A 181 -1.56 -15.19 -17.97
CA LEU A 181 -2.50 -14.23 -18.57
C LEU A 181 -2.18 -13.90 -20.02
N SER A 182 -3.27 -13.64 -20.75
CA SER A 182 -3.26 -13.11 -22.11
C SER A 182 -2.64 -11.71 -22.22
N ASN A 183 -1.88 -11.52 -23.30
CA ASN A 183 -1.26 -10.23 -23.57
C ASN A 183 -2.31 -9.15 -23.81
N SER A 184 -3.47 -9.53 -24.34
CA SER A 184 -4.59 -8.61 -24.45
C SER A 184 -5.20 -8.32 -23.08
N ALA A 185 -5.29 -9.34 -22.22
CA ALA A 185 -5.82 -9.12 -20.88
C ALA A 185 -4.99 -8.11 -20.10
N MET A 186 -3.67 -8.06 -20.33
CA MET A 186 -2.84 -7.03 -19.71
C MET A 186 -3.26 -5.62 -20.10
N GLY A 187 -4.01 -5.46 -21.18
CA GLY A 187 -4.55 -4.16 -21.55
C GLY A 187 -5.75 -3.70 -20.74
N LYS A 188 -6.37 -4.60 -19.97
CA LYS A 188 -7.61 -4.32 -19.26
C LYS A 188 -7.51 -4.54 -17.75
N THR A 189 -6.30 -4.76 -17.21
CA THR A 189 -6.07 -4.66 -15.77
C THR A 189 -4.58 -4.44 -15.55
N THR A 190 -4.23 -3.40 -14.79
CA THR A 190 -2.84 -3.03 -14.55
C THR A 190 -2.19 -3.81 -13.41
N THR A 191 -0.86 -3.90 -13.48
CA THR A 191 -0.04 -4.58 -12.47
C THR A 191 -0.43 -4.17 -11.04
N GLY A 192 -0.62 -2.88 -10.80
CA GLY A 192 -0.95 -2.43 -9.47
C GLY A 192 -2.27 -2.93 -8.97
N GLN A 193 -3.24 -3.09 -9.86
CA GLN A 193 -4.54 -3.64 -9.47
C GLN A 193 -4.47 -5.13 -9.14
N ILE A 194 -3.66 -5.89 -9.89
CA ILE A 194 -3.44 -7.28 -9.54
C ILE A 194 -2.79 -7.40 -8.16
N VAL A 195 -1.72 -6.63 -7.93
CA VAL A 195 -1.05 -6.59 -6.63
C VAL A 195 -1.98 -6.10 -5.54
N ASN A 196 -2.96 -5.28 -5.88
CA ASN A 196 -3.97 -4.89 -4.90
C ASN A 196 -4.86 -6.06 -4.48
N LEU A 197 -5.01 -7.08 -5.33
CA LEU A 197 -5.76 -8.27 -4.92
C LEU A 197 -5.14 -8.89 -3.67
N LEU A 198 -3.86 -9.26 -3.75
CA LEU A 198 -3.18 -9.84 -2.59
C LEU A 198 -3.18 -8.88 -1.42
N SER A 199 -2.80 -7.63 -1.65
CA SER A 199 -2.56 -6.69 -0.56
C SER A 199 -3.84 -6.35 0.20
N ASN A 200 -4.97 -6.24 -0.50
CA ASN A 200 -6.15 -5.63 0.08
C ASN A 200 -7.41 -6.48 -0.04
N ASP A 201 -7.50 -7.32 -1.06
CA ASP A 201 -8.72 -8.11 -1.27
C ASP A 201 -8.71 -9.46 -0.58
N VAL A 202 -7.60 -10.19 -0.62
CA VAL A 202 -7.60 -11.52 0.00
C VAL A 202 -7.67 -11.46 1.52
N ASN A 203 -7.06 -10.45 2.14
CA ASN A 203 -7.11 -10.34 3.60
C ASN A 203 -8.50 -10.16 4.19
N LYS A 204 -9.53 -10.02 3.36
CA LYS A 204 -10.89 -10.06 3.88
C LYS A 204 -11.33 -11.48 4.25
N PHE A 205 -10.68 -12.50 3.67
CA PHE A 205 -11.07 -13.88 3.95
C PHE A 205 -10.75 -14.33 5.37
N ASP A 206 -9.62 -13.89 5.93
CA ASP A 206 -9.31 -14.23 7.32
C ASP A 206 -10.44 -13.87 8.27
N GLN A 207 -11.23 -12.86 7.93
CA GLN A 207 -12.34 -12.43 8.76
C GLN A 207 -13.65 -13.13 8.45
N VAL A 208 -13.75 -13.88 7.35
CA VAL A 208 -14.99 -14.59 7.03
C VAL A 208 -15.20 -15.75 7.99
N THR A 209 -14.22 -16.64 8.06
CA THR A 209 -14.35 -17.91 8.77
C THR A 209 -14.54 -17.75 10.27
N ILE A 210 -14.13 -16.64 10.86
CA ILE A 210 -14.16 -16.52 12.32
C ILE A 210 -15.58 -16.59 12.88
N PHE A 211 -16.57 -16.08 12.15
CA PHE A 211 -17.89 -15.87 12.73
C PHE A 211 -19.03 -16.69 12.15
N LEU A 212 -18.84 -17.40 11.03
CA LEU A 212 -20.00 -17.97 10.34
C LEU A 212 -20.86 -18.84 11.23
N HIS A 213 -20.26 -19.67 12.08
CA HIS A 213 -21.07 -20.57 12.92
C HIS A 213 -22.03 -19.86 13.86
N PHE A 214 -21.93 -18.56 14.03
CA PHE A 214 -22.89 -17.84 14.85
C PHE A 214 -24.18 -17.53 14.11
N LEU A 215 -24.17 -17.58 12.78
CA LEU A 215 -25.38 -17.34 12.02
C LEU A 215 -26.50 -18.33 12.35
N TRP A 216 -26.15 -19.54 12.79
CA TRP A 216 -27.16 -20.46 13.31
C TRP A 216 -27.17 -20.60 14.82
N ALA A 217 -26.02 -20.50 15.50
CA ALA A 217 -26.02 -20.59 16.96
C ALA A 217 -26.68 -19.38 17.62
N GLY A 218 -26.53 -18.18 17.06
CA GLY A 218 -27.19 -17.02 17.60
C GLY A 218 -28.69 -17.16 17.68
N PRO A 219 -29.35 -17.31 16.53
CA PRO A 219 -30.81 -17.51 16.56
C PRO A 219 -31.27 -18.70 17.39
N LEU A 220 -30.55 -19.82 17.35
CA LEU A 220 -30.91 -20.98 18.16
C LEU A 220 -30.81 -20.66 19.64
N GLN A 221 -29.72 -20.03 20.06
CA GLN A 221 -29.56 -19.62 21.44
C GLN A 221 -30.64 -18.63 21.86
N ALA A 222 -31.04 -17.75 20.94
CA ALA A 222 -32.15 -16.84 21.23
C ALA A 222 -33.41 -17.62 21.59
N ILE A 223 -33.72 -18.69 20.87
CA ILE A 223 -34.90 -19.48 21.19
C ILE A 223 -34.77 -20.19 22.53
N VAL A 224 -33.63 -20.85 22.78
CA VAL A 224 -33.43 -21.51 24.07
C VAL A 224 -33.56 -20.53 25.23
N VAL A 225 -32.92 -19.37 25.11
CA VAL A 225 -33.01 -18.36 26.15
C VAL A 225 -34.44 -17.85 26.30
N THR A 226 -35.18 -17.76 25.21
CA THR A 226 -36.59 -17.37 25.30
C THR A 226 -37.37 -18.35 26.16
N ALA A 227 -37.10 -19.64 26.03
CA ALA A 227 -37.80 -20.61 26.86
C ALA A 227 -37.41 -20.45 28.32
N LEU A 228 -36.11 -20.38 28.61
CA LEU A 228 -35.66 -20.27 29.98
C LEU A 228 -36.24 -19.04 30.67
N LEU A 229 -36.21 -17.89 29.99
CA LEU A 229 -36.77 -16.68 30.57
C LEU A 229 -38.28 -16.81 30.79
N TRP A 230 -38.96 -17.59 29.96
CA TRP A 230 -40.38 -17.86 30.22
C TRP A 230 -40.56 -18.56 31.55
N MET A 231 -39.65 -19.47 31.89
CA MET A 231 -39.68 -20.12 33.19
C MET A 231 -39.35 -19.15 34.32
N GLU A 232 -38.34 -18.29 34.11
CA GLU A 232 -37.89 -17.41 35.18
C GLU A 232 -38.87 -16.26 35.47
N ILE A 233 -39.34 -15.58 34.42
CA ILE A 233 -40.12 -14.36 34.63
C ILE A 233 -41.36 -14.29 33.75
N GLY A 234 -41.74 -15.42 33.17
CA GLY A 234 -43.04 -15.51 32.53
C GLY A 234 -43.21 -14.66 31.27
N ILE A 235 -44.45 -14.20 31.07
CA ILE A 235 -44.88 -13.61 29.80
C ILE A 235 -44.05 -12.40 29.38
N SER A 236 -43.44 -11.69 30.33
CA SER A 236 -42.63 -10.53 29.98
C SER A 236 -41.44 -10.87 29.10
N CYS A 237 -41.06 -12.14 29.02
CA CYS A 237 -39.94 -12.55 28.20
C CYS A 237 -40.01 -12.03 26.77
N LEU A 238 -41.22 -11.87 26.24
CA LEU A 238 -41.41 -11.45 24.86
C LEU A 238 -40.88 -10.04 24.59
N ALA A 239 -41.12 -9.10 25.50
CA ALA A 239 -40.69 -7.73 25.28
C ALA A 239 -39.20 -7.64 25.04
N GLY A 240 -38.40 -8.31 25.88
CA GLY A 240 -36.97 -8.29 25.68
C GLY A 240 -36.58 -8.82 24.31
N MET A 241 -37.18 -9.94 23.91
CA MET A 241 -36.91 -10.48 22.59
C MET A 241 -37.53 -9.64 21.48
N ALA A 242 -38.58 -8.88 21.78
CA ALA A 242 -39.14 -7.98 20.78
C ALA A 242 -38.13 -6.91 20.37
N VAL A 243 -37.51 -6.25 21.34
CA VAL A 243 -36.42 -5.31 21.03
C VAL A 243 -35.34 -6.01 20.24
N LEU A 244 -35.01 -7.24 20.60
CA LEU A 244 -33.93 -7.93 19.90
C LEU A 244 -34.26 -8.18 18.43
N ILE A 245 -35.54 -8.43 18.10
CA ILE A 245 -35.93 -8.57 16.69
C ILE A 245 -36.21 -7.26 16.00
N ILE A 246 -36.22 -6.15 16.73
CA ILE A 246 -36.06 -4.84 16.09
C ILE A 246 -34.60 -4.58 15.77
N LEU A 247 -33.70 -4.92 16.70
CA LEU A 247 -32.28 -4.68 16.47
C LEU A 247 -31.70 -5.57 15.38
N LEU A 248 -32.06 -6.85 15.35
CA LEU A 248 -31.37 -7.76 14.43
C LEU A 248 -31.54 -7.40 12.96
N PRO A 249 -32.71 -6.95 12.48
CA PRO A 249 -32.74 -6.34 11.14
C PRO A 249 -31.91 -5.08 11.04
N LEU A 250 -32.10 -4.17 11.99
CA LEU A 250 -31.47 -2.85 11.90
C LEU A 250 -29.96 -2.94 11.85
N GLN A 251 -29.35 -3.74 12.73
CA GLN A 251 -27.90 -3.89 12.70
C GLN A 251 -27.41 -4.60 11.45
N SER A 252 -28.24 -5.43 10.85
CA SER A 252 -27.87 -6.02 9.56
C SER A 252 -28.00 -5.01 8.42
N CYS A 253 -29.03 -4.16 8.47
CA CYS A 253 -29.17 -3.11 7.48
C CYS A 253 -28.02 -2.10 7.55
N ILE A 254 -27.68 -1.65 8.76
CA ILE A 254 -26.49 -0.82 8.94
C ILE A 254 -25.24 -1.52 8.41
N GLY A 255 -25.13 -2.83 8.66
CA GLY A 255 -24.00 -3.58 8.15
C GLY A 255 -23.89 -3.60 6.64
N LYS A 256 -25.04 -3.67 5.94
CA LYS A 256 -25.02 -3.56 4.49
C LYS A 256 -24.63 -2.16 4.02
N LEU A 257 -25.24 -1.13 4.59
CA LEU A 257 -24.96 0.22 4.12
C LEU A 257 -23.52 0.62 4.39
N PHE A 258 -22.97 0.22 5.54
CA PHE A 258 -21.55 0.42 5.80
C PHE A 258 -20.69 -0.13 4.67
N SER A 259 -20.99 -1.34 4.21
CA SER A 259 -20.19 -1.94 3.14
C SER A 259 -20.37 -1.19 1.81
N SER A 260 -21.55 -0.65 1.55
CA SER A 260 -21.75 0.19 0.37
C SER A 260 -20.90 1.44 0.42
N LEU A 261 -21.00 2.19 1.51
CA LEU A 261 -20.18 3.40 1.69
C LEU A 261 -18.69 3.10 1.57
N ARG A 262 -18.20 2.11 2.31
CA ARG A 262 -16.78 1.80 2.28
C ARG A 262 -16.27 1.50 0.88
N SER A 263 -17.02 0.69 0.13
CA SER A 263 -16.57 0.34 -1.22
C SER A 263 -16.49 1.55 -2.15
N LYS A 264 -17.40 2.52 -2.01
CA LYS A 264 -17.29 3.73 -2.82
C LYS A 264 -16.08 4.59 -2.47
N THR A 265 -15.67 4.63 -1.19
CA THR A 265 -14.45 5.37 -0.84
C THR A 265 -13.22 4.85 -1.57
N ALA A 266 -13.19 3.55 -1.88
CA ALA A 266 -12.01 2.99 -2.53
C ALA A 266 -11.71 3.66 -3.87
N ALA A 267 -12.73 4.13 -4.57
CA ALA A 267 -12.48 4.87 -5.81
C ALA A 267 -11.80 6.21 -5.56
N PHE A 268 -12.22 6.95 -4.54
CA PHE A 268 -11.51 8.18 -4.19
C PHE A 268 -10.10 7.89 -3.69
N THR A 269 -9.96 6.99 -2.73
CA THR A 269 -8.65 6.77 -2.12
C THR A 269 -7.62 6.32 -3.14
N ASP A 270 -8.01 5.42 -4.04
CA ASP A 270 -7.06 4.97 -5.06
C ASP A 270 -6.67 6.10 -6.02
N THR A 271 -7.62 6.96 -6.38
CA THR A 271 -7.28 8.13 -7.21
C THR A 271 -6.36 9.09 -6.48
N ARG A 272 -6.63 9.32 -5.19
CA ARG A 272 -5.73 10.16 -4.39
C ARG A 272 -4.32 9.58 -4.37
N ILE A 273 -4.19 8.30 -4.04
CA ILE A 273 -2.87 7.69 -3.97
C ILE A 273 -2.15 7.72 -5.32
N ARG A 274 -2.86 7.50 -6.42
CA ARG A 274 -2.19 7.60 -7.72
C ARG A 274 -1.73 9.03 -8.00
N THR A 275 -2.44 10.04 -7.53
CA THR A 275 -1.94 11.41 -7.64
C THR A 275 -0.70 11.62 -6.77
N MET A 276 -0.74 11.14 -5.53
CA MET A 276 0.46 11.22 -4.68
C MET A 276 1.65 10.55 -5.33
N ASN A 277 1.45 9.44 -6.03
CA ASN A 277 2.56 8.77 -6.69
C ASN A 277 3.17 9.62 -7.80
N GLU A 278 2.36 10.24 -8.66
CA GLU A 278 2.93 11.11 -9.69
C GLU A 278 3.47 12.42 -9.11
N VAL A 279 2.94 12.88 -7.98
CA VAL A 279 3.55 14.02 -7.28
C VAL A 279 4.94 13.66 -6.76
N ILE A 280 5.02 12.66 -5.89
CA ILE A 280 6.27 12.34 -5.21
C ILE A 280 7.31 11.81 -6.18
N THR A 281 6.89 11.09 -7.22
CA THR A 281 7.84 10.69 -8.25
C THR A 281 8.32 11.87 -9.09
N GLY A 282 7.48 12.88 -9.27
CA GLY A 282 7.79 13.98 -10.17
C GLY A 282 8.28 15.25 -9.51
N ILE A 283 8.52 15.23 -8.19
CA ILE A 283 8.41 16.46 -7.41
C ILE A 283 9.41 17.51 -7.87
N ARG A 284 10.55 17.10 -8.42
CA ARG A 284 11.47 18.07 -9.00
C ARG A 284 10.81 18.94 -10.04
N ILE A 285 10.17 18.32 -11.03
CA ILE A 285 9.54 19.07 -12.12
C ILE A 285 8.35 19.88 -11.60
N ILE A 286 7.49 19.29 -10.76
CA ILE A 286 6.40 20.09 -10.22
C ILE A 286 6.95 21.36 -9.60
N LYS A 287 8.07 21.26 -8.89
CA LYS A 287 8.70 22.45 -8.33
C LYS A 287 9.17 23.41 -9.41
N MET A 288 9.91 22.90 -10.39
CA MET A 288 10.49 23.76 -11.42
C MET A 288 9.43 24.54 -12.20
N TYR A 289 8.23 23.99 -12.37
CA TYR A 289 7.16 24.72 -13.05
C TYR A 289 6.28 25.52 -12.10
N ALA A 290 6.54 25.48 -10.80
CA ALA A 290 5.73 26.19 -9.83
C ALA A 290 4.27 25.76 -9.86
N TRP A 291 4.01 24.52 -10.27
CA TRP A 291 2.67 23.96 -10.34
C TRP A 291 2.10 23.58 -8.97
N GLU A 292 2.84 23.79 -7.90
CA GLU A 292 2.47 23.24 -6.61
C GLU A 292 1.05 23.62 -6.22
N LYS A 293 0.60 24.81 -6.62
CA LYS A 293 -0.79 25.19 -6.34
C LYS A 293 -1.79 24.22 -6.97
N SER A 294 -1.53 23.75 -8.19
CA SER A 294 -2.46 22.86 -8.87
C SER A 294 -2.67 21.57 -8.09
N PHE A 295 -1.59 20.84 -7.82
CA PHE A 295 -1.70 19.56 -7.13
C PHE A 295 -2.16 19.75 -5.68
N ALA A 296 -1.86 20.90 -5.07
CA ALA A 296 -2.39 21.17 -3.74
C ALA A 296 -3.91 21.20 -3.75
N ASP A 297 -4.49 21.95 -4.68
CA ASP A 297 -5.94 22.00 -4.82
C ASP A 297 -6.53 20.64 -5.16
N LEU A 298 -5.97 19.97 -6.17
CA LEU A 298 -6.49 18.67 -6.60
C LEU A 298 -6.50 17.64 -5.47
N ILE A 299 -5.39 17.49 -4.75
CA ILE A 299 -5.40 16.59 -3.59
C ILE A 299 -6.38 17.07 -2.54
N THR A 300 -6.41 18.38 -2.28
CA THR A 300 -7.32 18.90 -1.25
C THR A 300 -8.76 18.54 -1.56
N ASN A 301 -9.15 18.59 -2.84
CA ASN A 301 -10.51 18.23 -3.22
C ASN A 301 -10.77 16.73 -3.12
N LEU A 302 -9.87 15.88 -3.62
CA LEU A 302 -10.07 14.44 -3.42
C LEU A 302 -10.12 14.08 -1.94
N ARG A 303 -9.22 14.67 -1.14
CA ARG A 303 -9.23 14.42 0.31
C ARG A 303 -10.51 14.93 0.95
N ARG A 304 -10.98 16.11 0.56
CA ARG A 304 -12.22 16.64 1.09
C ARG A 304 -13.42 15.78 0.73
N LYS A 305 -13.44 15.20 -0.47
CA LYS A 305 -14.48 14.21 -0.78
C LYS A 305 -14.32 12.93 0.03
N GLU A 306 -13.11 12.35 0.02
CA GLU A 306 -12.88 11.10 0.77
C GLU A 306 -13.25 11.21 2.24
N ILE A 307 -12.82 12.27 2.93
CA ILE A 307 -13.21 12.43 4.33
C ILE A 307 -14.71 12.65 4.47
N SER A 308 -15.38 13.17 3.44
CA SER A 308 -16.83 13.25 3.51
C SER A 308 -17.47 11.88 3.68
N LYS A 309 -16.94 10.87 2.98
CA LYS A 309 -17.40 9.50 3.19
C LYS A 309 -16.86 8.87 4.46
N ILE A 310 -15.59 9.10 4.80
CA ILE A 310 -15.03 8.43 5.98
C ILE A 310 -15.66 8.93 7.27
N LEU A 311 -16.02 10.20 7.38
CA LEU A 311 -16.82 10.59 8.54
C LEU A 311 -18.14 9.84 8.55
N ARG A 312 -18.81 9.76 7.41
CA ARG A 312 -20.12 9.13 7.35
C ARG A 312 -20.03 7.64 7.64
N SER A 313 -19.12 6.94 6.96
CA SER A 313 -18.91 5.53 7.21
C SER A 313 -18.52 5.25 8.65
N SER A 314 -17.67 6.09 9.23
CA SER A 314 -17.34 5.96 10.64
C SER A 314 -18.55 6.14 11.55
N TYR A 315 -19.37 7.18 11.34
CA TYR A 315 -20.48 7.36 12.26
C TYR A 315 -21.42 6.16 12.25
N LEU A 316 -21.63 5.53 11.09
CA LEU A 316 -22.38 4.26 11.07
C LEU A 316 -21.73 3.21 11.95
N ARG A 317 -20.44 2.98 11.77
CA ARG A 317 -19.73 1.97 12.55
C ARG A 317 -19.70 2.33 14.04
N GLY A 318 -19.65 3.61 14.38
CA GLY A 318 -19.79 3.99 15.77
C GLY A 318 -21.17 3.72 16.34
N MET A 319 -22.22 3.89 15.52
CA MET A 319 -23.56 3.46 15.92
C MET A 319 -23.69 1.95 16.06
N ASN A 320 -22.90 1.18 15.33
CA ASN A 320 -22.91 -0.27 15.52
C ASN A 320 -22.29 -0.68 16.86
N LEU A 321 -21.14 -0.11 17.21
CA LEU A 321 -20.53 -0.40 18.51
C LEU A 321 -21.34 0.16 19.68
N ALA A 322 -21.92 1.34 19.53
CA ALA A 322 -22.84 1.86 20.54
C ALA A 322 -24.14 1.07 20.60
N SER A 323 -24.44 0.27 19.58
CA SER A 323 -25.55 -0.67 19.69
C SER A 323 -25.22 -1.85 20.60
N PHE A 324 -24.05 -2.49 20.41
CA PHE A 324 -23.63 -3.53 21.36
C PHE A 324 -23.60 -3.05 22.80
N PHE A 325 -22.95 -1.92 23.05
CA PHE A 325 -22.80 -1.43 24.42
C PHE A 325 -24.15 -1.20 25.09
N VAL A 326 -24.99 -0.35 24.49
CA VAL A 326 -26.27 0.03 25.07
C VAL A 326 -27.33 -1.07 25.01
N ALA A 327 -27.29 -1.93 23.99
CA ALA A 327 -28.43 -2.81 23.72
C ALA A 327 -28.86 -3.64 24.93
N SER A 328 -27.91 -4.24 25.64
CA SER A 328 -28.27 -5.06 26.79
C SER A 328 -29.06 -4.27 27.85
N LYS A 329 -28.74 -2.99 28.06
CA LYS A 329 -29.51 -2.19 29.00
C LYS A 329 -30.92 -1.86 28.51
N ILE A 330 -31.12 -1.71 27.21
CA ILE A 330 -32.47 -1.53 26.70
C ILE A 330 -33.29 -2.81 26.88
N ILE A 331 -32.73 -3.95 26.46
CA ILE A 331 -33.43 -5.22 26.53
C ILE A 331 -33.88 -5.51 27.96
N VAL A 332 -32.99 -5.35 28.93
CA VAL A 332 -33.37 -5.54 30.32
C VAL A 332 -34.43 -4.53 30.75
N PHE A 333 -34.31 -3.29 30.29
CA PHE A 333 -35.24 -2.27 30.75
C PHE A 333 -36.67 -2.52 30.29
N VAL A 334 -36.87 -2.86 29.01
CA VAL A 334 -38.24 -3.14 28.55
C VAL A 334 -38.81 -4.36 29.28
N THR A 335 -37.98 -5.37 29.51
CA THR A 335 -38.43 -6.59 30.18
C THR A 335 -38.96 -6.34 31.58
N PHE A 336 -38.17 -5.67 32.41
CA PHE A 336 -38.61 -5.41 33.78
C PHE A 336 -39.68 -4.34 33.84
N THR A 337 -39.76 -3.46 32.84
CA THR A 337 -40.85 -2.49 32.80
C THR A 337 -42.20 -3.19 32.73
N THR A 338 -42.38 -4.09 31.76
CA THR A 338 -43.65 -4.82 31.66
C THR A 338 -43.89 -5.66 32.91
N TYR A 339 -42.84 -6.29 33.42
CA TYR A 339 -42.98 -7.21 34.56
C TYR A 339 -43.59 -6.53 35.78
N VAL A 340 -43.22 -5.29 36.07
CA VAL A 340 -43.82 -4.63 37.22
C VAL A 340 -45.22 -4.08 36.91
N PHE A 341 -45.50 -3.65 35.67
CA PHE A 341 -46.88 -3.25 35.37
C PHE A 341 -47.83 -4.42 35.45
N LEU A 342 -47.37 -5.63 35.18
CA LEU A 342 -48.18 -6.83 35.31
C LEU A 342 -48.45 -7.24 36.76
N GLY A 343 -47.97 -6.48 37.74
CA GLY A 343 -48.28 -6.74 39.15
C GLY A 343 -47.30 -7.59 39.92
N ASN A 344 -46.16 -7.96 39.32
CA ASN A 344 -45.12 -8.73 39.98
C ASN A 344 -44.27 -7.86 40.90
N VAL A 345 -43.45 -8.50 41.74
CA VAL A 345 -42.49 -7.82 42.60
C VAL A 345 -41.10 -8.38 42.33
N ILE A 346 -40.10 -7.50 42.30
CA ILE A 346 -38.73 -7.88 42.01
C ILE A 346 -38.10 -8.64 43.18
N THR A 347 -37.38 -9.72 42.86
CA THR A 347 -36.48 -10.40 43.79
C THR A 347 -35.16 -10.70 43.11
N ALA A 348 -34.08 -10.74 43.91
CA ALA A 348 -32.73 -10.69 43.36
C ALA A 348 -32.37 -11.91 42.53
N SER A 349 -32.92 -13.07 42.86
CA SER A 349 -32.66 -14.27 42.07
C SER A 349 -33.21 -14.13 40.65
N ARG A 350 -34.46 -13.65 40.52
CA ARG A 350 -35.05 -13.41 39.21
C ARG A 350 -34.24 -12.40 38.39
N VAL A 351 -33.97 -11.24 38.96
CA VAL A 351 -33.33 -10.16 38.21
C VAL A 351 -31.95 -10.55 37.72
N PHE A 352 -31.11 -11.11 38.59
CA PHE A 352 -29.74 -11.42 38.18
C PHE A 352 -29.61 -12.71 37.37
N VAL A 353 -30.58 -13.62 37.45
CA VAL A 353 -30.65 -14.67 36.44
C VAL A 353 -31.02 -14.08 35.09
N ALA A 354 -32.10 -13.31 35.03
CA ALA A 354 -32.53 -12.68 33.78
C ALA A 354 -31.41 -11.85 33.16
N VAL A 355 -30.84 -10.92 33.93
CA VAL A 355 -29.73 -10.10 33.42
C VAL A 355 -28.61 -10.96 32.87
N SER A 356 -28.28 -12.06 33.56
CA SER A 356 -27.16 -12.90 33.13
C SER A 356 -27.44 -13.62 31.82
N LEU A 357 -28.66 -14.11 31.62
CA LEU A 357 -28.99 -14.78 30.37
C LEU A 357 -28.87 -13.83 29.17
N TYR A 358 -29.40 -12.62 29.29
CA TYR A 358 -29.30 -11.65 28.21
C TYR A 358 -27.86 -11.34 27.83
N GLY A 359 -26.92 -11.47 28.77
CA GLY A 359 -25.52 -11.36 28.41
C GLY A 359 -25.09 -12.36 27.35
N ALA A 360 -25.66 -13.56 27.38
CA ALA A 360 -25.34 -14.54 26.35
C ALA A 360 -25.87 -14.13 24.98
N VAL A 361 -27.16 -13.78 24.93
CA VAL A 361 -27.80 -13.39 23.67
C VAL A 361 -27.21 -12.09 23.12
N ARG A 362 -26.89 -11.14 24.00
CA ARG A 362 -26.22 -9.92 23.58
C ARG A 362 -24.92 -10.23 22.83
N LEU A 363 -24.08 -11.09 23.37
CA LEU A 363 -22.81 -11.39 22.72
C LEU A 363 -23.01 -12.00 21.34
N THR A 364 -23.72 -13.13 21.24
CA THR A 364 -23.82 -13.82 19.94
C THR A 364 -24.67 -13.05 18.93
N VAL A 365 -25.88 -12.63 19.32
CA VAL A 365 -26.76 -12.01 18.34
C VAL A 365 -26.28 -10.61 17.95
N THR A 366 -26.02 -9.72 18.91
CA THR A 366 -25.64 -8.35 18.55
C THR A 366 -24.20 -8.19 18.03
N LEU A 367 -23.19 -8.83 18.62
CA LEU A 367 -21.87 -8.75 17.98
C LEU A 367 -21.70 -9.73 16.83
N PHE A 368 -21.82 -11.03 17.09
CA PHE A 368 -21.34 -11.99 16.10
C PHE A 368 -22.29 -12.20 14.92
N PHE A 369 -23.60 -11.97 15.05
CA PHE A 369 -24.44 -12.04 13.87
C PHE A 369 -24.24 -10.82 12.96
N PRO A 370 -24.32 -9.58 13.44
CA PRO A 370 -23.89 -8.45 12.60
C PRO A 370 -22.47 -8.54 12.08
N SER A 371 -21.51 -8.99 12.89
CA SER A 371 -20.13 -9.11 12.40
C SER A 371 -20.03 -10.17 11.31
N ALA A 372 -20.78 -11.27 11.42
CA ALA A 372 -20.83 -12.24 10.35
C ALA A 372 -21.40 -11.65 9.07
N VAL A 373 -22.57 -11.02 9.17
CA VAL A 373 -23.21 -10.40 8.02
C VAL A 373 -22.30 -9.38 7.33
N GLU A 374 -21.71 -8.46 8.09
CA GLU A 374 -20.91 -7.44 7.42
C GLU A 374 -19.59 -7.99 6.89
N LYS A 375 -19.01 -8.99 7.55
CA LYS A 375 -17.74 -9.56 7.06
C LYS A 375 -17.93 -10.57 5.95
N VAL A 376 -19.06 -11.29 5.92
CA VAL A 376 -19.45 -12.03 4.71
C VAL A 376 -19.78 -11.09 3.56
N SER A 377 -20.54 -10.03 3.82
CA SER A 377 -20.84 -9.06 2.78
C SER A 377 -19.57 -8.48 2.18
N GLU A 378 -18.63 -8.09 3.03
CA GLU A 378 -17.35 -7.58 2.54
C GLU A 378 -16.58 -8.63 1.75
N ALA A 379 -16.68 -9.90 2.13
CA ALA A 379 -15.97 -10.92 1.36
C ALA A 379 -16.52 -11.07 -0.04
N PHE A 380 -17.83 -10.96 -0.24
CA PHE A 380 -18.38 -11.07 -1.59
C PHE A 380 -17.83 -10.00 -2.52
N VAL A 381 -17.50 -8.82 -2.00
CA VAL A 381 -16.82 -7.82 -2.82
C VAL A 381 -15.47 -8.35 -3.30
N SER A 382 -14.77 -9.10 -2.46
CA SER A 382 -13.50 -9.70 -2.87
C SER A 382 -13.71 -10.90 -3.80
N ILE A 383 -14.65 -11.79 -3.46
CA ILE A 383 -14.90 -12.95 -4.32
C ILE A 383 -15.37 -12.51 -5.68
N ARG A 384 -16.18 -11.45 -5.74
CA ARG A 384 -16.58 -10.88 -7.02
C ARG A 384 -15.38 -10.43 -7.85
N ARG A 385 -14.47 -9.64 -7.27
CA ARG A 385 -13.29 -9.24 -8.03
C ARG A 385 -12.41 -10.41 -8.42
N ILE A 386 -12.24 -11.39 -7.53
CA ILE A 386 -11.34 -12.49 -7.86
C ILE A 386 -11.96 -13.37 -8.95
N LYS A 387 -13.27 -13.58 -8.90
CA LYS A 387 -13.93 -14.26 -10.01
C LYS A 387 -13.68 -13.54 -11.33
N ASN A 388 -13.78 -12.21 -11.33
CA ASN A 388 -13.51 -11.43 -12.53
C ASN A 388 -12.05 -11.55 -12.99
N PHE A 389 -11.12 -11.72 -12.06
CA PHE A 389 -9.72 -11.93 -12.46
C PHE A 389 -9.47 -13.34 -12.97
N LEU A 390 -9.94 -14.36 -12.28
CA LEU A 390 -9.66 -15.74 -12.68
C LEU A 390 -10.24 -16.08 -14.04
N LEU A 391 -11.33 -15.43 -14.44
CA LEU A 391 -11.96 -15.61 -15.74
C LEU A 391 -11.44 -14.69 -16.85
N LEU A 392 -10.33 -13.99 -16.63
CA LEU A 392 -9.64 -13.34 -17.75
C LEU A 392 -9.09 -14.34 -18.78
N ASP A 393 -8.84 -13.83 -19.98
CA ASP A 393 -8.24 -14.58 -21.08
C ASP A 393 -6.84 -15.06 -20.74
N GLU A 394 -6.46 -16.19 -21.35
CA GLU A 394 -5.14 -16.79 -21.10
C GLU A 394 -4.48 -17.33 -22.37
N ILE A 409 15.14 -24.87 -36.95
CA ILE A 409 14.86 -23.76 -37.85
C ILE A 409 13.83 -22.82 -37.24
N VAL A 410 13.86 -21.57 -37.70
CA VAL A 410 12.79 -20.60 -37.50
C VAL A 410 12.28 -20.17 -38.86
N ASN A 411 10.99 -20.37 -39.10
CA ASN A 411 10.41 -20.08 -40.41
C ASN A 411 9.07 -19.37 -40.24
N VAL A 412 8.93 -18.26 -40.95
CA VAL A 412 7.71 -17.45 -40.98
C VAL A 412 7.33 -17.24 -42.43
N GLN A 413 6.04 -17.36 -42.73
CA GLN A 413 5.55 -17.27 -44.10
C GLN A 413 4.20 -16.58 -44.12
N ASP A 414 4.04 -15.60 -45.01
CA ASP A 414 2.77 -14.91 -45.21
C ASP A 414 2.16 -14.44 -43.91
N PHE A 415 2.99 -14.15 -42.91
CA PHE A 415 2.49 -13.87 -41.57
C PHE A 415 1.78 -12.53 -41.51
N THR A 416 0.58 -12.52 -40.95
CA THR A 416 -0.12 -11.28 -40.63
C THR A 416 -0.84 -11.46 -39.31
N ALA A 417 -0.72 -10.47 -38.43
CA ALA A 417 -1.36 -10.57 -37.13
C ALA A 417 -1.68 -9.19 -36.59
N PHE A 418 -2.70 -9.15 -35.74
CA PHE A 418 -3.16 -7.95 -35.04
C PHE A 418 -3.01 -8.14 -33.54
N TRP A 419 -2.28 -7.22 -32.89
CA TRP A 419 -2.32 -7.19 -31.43
C TRP A 419 -3.76 -7.04 -30.95
N ASP A 420 -4.55 -6.19 -31.61
CA ASP A 420 -5.97 -6.05 -31.33
C ASP A 420 -6.72 -5.99 -32.65
N LYS A 421 -7.58 -6.98 -32.89
CA LYS A 421 -8.39 -7.00 -34.11
C LYS A 421 -9.15 -5.70 -34.32
N ALA A 422 -9.47 -4.98 -33.26
CA ALA A 422 -10.10 -3.68 -33.39
C ALA A 422 -9.26 -2.72 -34.22
N SER A 423 -7.95 -2.93 -34.29
CA SER A 423 -7.10 -2.03 -35.06
C SER A 423 -7.48 -2.07 -36.54
N ASP A 424 -7.47 -0.89 -37.17
CA ASP A 424 -7.76 -0.79 -38.60
C ASP A 424 -6.69 -1.45 -39.47
N THR A 425 -5.47 -1.59 -38.96
CA THR A 425 -4.39 -2.11 -39.78
C THR A 425 -3.64 -3.21 -39.03
N PRO A 426 -3.01 -4.12 -39.76
CA PRO A 426 -2.21 -5.15 -39.10
C PRO A 426 -0.91 -4.60 -38.52
N THR A 427 -0.47 -5.22 -37.43
CA THR A 427 0.84 -4.93 -36.85
C THR A 427 1.97 -5.62 -37.61
N LEU A 428 1.69 -6.76 -38.24
CA LEU A 428 2.60 -7.39 -39.19
C LEU A 428 1.78 -7.90 -40.36
N GLN A 429 2.29 -7.68 -41.58
CA GLN A 429 1.59 -8.01 -42.80
C GLN A 429 2.52 -8.66 -43.82
N SER A 430 2.10 -9.82 -44.34
CA SER A 430 2.78 -10.51 -45.44
C SER A 430 4.25 -10.75 -45.13
N LEU A 431 4.54 -11.01 -43.86
CA LEU A 431 5.89 -11.38 -43.43
C LEU A 431 6.25 -12.79 -43.87
N SER A 432 7.41 -12.94 -44.49
CA SER A 432 7.97 -14.26 -44.73
C SER A 432 9.49 -14.18 -44.62
N PHE A 433 10.05 -15.03 -43.78
CA PHE A 433 11.48 -15.09 -43.55
C PHE A 433 11.83 -16.42 -42.88
N THR A 434 13.09 -16.82 -43.01
CA THR A 434 13.59 -17.98 -42.29
C THR A 434 15.07 -17.80 -42.01
N VAL A 435 15.50 -18.32 -40.87
CA VAL A 435 16.87 -18.22 -40.40
C VAL A 435 17.32 -19.59 -39.89
N ARG A 436 18.55 -19.96 -40.21
CA ARG A 436 19.10 -21.28 -39.97
C ARG A 436 20.45 -21.18 -39.26
N PRO A 437 20.91 -22.26 -38.65
CA PRO A 437 22.13 -22.21 -37.83
C PRO A 437 23.31 -21.50 -38.48
N GLY A 438 23.90 -20.58 -37.71
CA GLY A 438 24.99 -19.73 -38.13
C GLY A 438 24.60 -18.41 -38.77
N GLU A 439 23.33 -18.23 -39.14
CA GLU A 439 22.85 -16.98 -39.69
C GLU A 439 22.57 -15.94 -38.63
N LEU A 440 22.97 -14.70 -38.90
CA LEU A 440 22.58 -13.56 -38.06
C LEU A 440 21.63 -12.67 -38.86
N LEU A 441 20.40 -12.52 -38.33
CA LEU A 441 19.35 -11.68 -38.89
C LEU A 441 19.23 -10.36 -38.14
N ALA A 442 19.52 -9.26 -38.82
CA ALA A 442 19.29 -7.92 -38.29
C ALA A 442 17.88 -7.46 -38.61
N VAL A 443 17.14 -7.04 -37.59
CA VAL A 443 15.79 -6.48 -37.71
C VAL A 443 15.88 -4.97 -37.49
N VAL A 444 15.55 -4.20 -38.53
CA VAL A 444 15.79 -2.77 -38.57
C VAL A 444 14.53 -2.03 -39.02
N GLY A 445 14.32 -0.84 -38.46
CA GLY A 445 13.21 0.01 -38.79
C GLY A 445 12.78 0.92 -37.65
N PRO A 446 11.87 1.86 -37.95
CA PRO A 446 11.45 2.85 -36.95
C PRO A 446 10.84 2.24 -35.69
N VAL A 447 10.78 3.10 -34.65
CA VAL A 447 10.02 2.81 -33.45
C VAL A 447 8.58 2.48 -33.80
N GLY A 448 8.10 1.33 -33.31
CA GLY A 448 6.78 0.84 -33.67
C GLY A 448 6.66 0.29 -35.06
N ALA A 449 7.78 -0.03 -35.71
CA ALA A 449 7.74 -0.64 -37.04
C ALA A 449 7.18 -2.05 -36.98
N GLY A 450 7.31 -2.70 -35.82
CA GLY A 450 6.93 -4.08 -35.62
C GLY A 450 8.09 -5.02 -35.35
N LYS A 451 9.27 -4.50 -35.08
CA LYS A 451 10.44 -5.32 -34.79
C LYS A 451 10.20 -6.19 -33.55
N SER A 452 9.90 -5.55 -32.42
CA SER A 452 9.46 -6.29 -31.24
C SER A 452 8.23 -7.14 -31.53
N SER A 453 7.32 -6.64 -32.38
CA SER A 453 6.19 -7.49 -32.76
C SER A 453 6.65 -8.69 -33.58
N LEU A 454 7.67 -8.51 -34.42
CA LEU A 454 8.29 -9.66 -35.08
C LEU A 454 8.80 -10.67 -34.06
N LEU A 455 9.58 -10.19 -33.07
CA LEU A 455 10.06 -11.07 -32.01
C LEU A 455 8.92 -11.74 -31.27
N SER A 456 7.86 -10.99 -30.97
CA SER A 456 6.69 -11.59 -30.34
C SER A 456 6.08 -12.68 -31.22
N ALA A 457 6.08 -12.48 -32.54
CA ALA A 457 5.60 -13.52 -33.44
C ALA A 457 6.49 -14.76 -33.35
N VAL A 458 7.81 -14.58 -33.45
CA VAL A 458 8.73 -15.69 -33.23
C VAL A 458 8.45 -16.36 -31.88
N LEU A 459 8.30 -15.55 -30.84
CA LEU A 459 8.02 -16.05 -29.49
C LEU A 459 6.66 -16.73 -29.40
N GLY A 460 5.78 -16.55 -30.38
CA GLY A 460 4.42 -17.04 -30.32
C GLY A 460 3.46 -16.25 -29.47
N GLU A 461 3.84 -15.05 -29.05
CA GLU A 461 2.96 -14.19 -28.27
C GLU A 461 1.99 -13.42 -29.16
N LEU A 462 2.30 -13.30 -30.45
CA LEU A 462 1.41 -12.70 -31.45
C LEU A 462 1.02 -13.76 -32.48
N PRO A 463 -0.13 -14.42 -32.31
CA PRO A 463 -0.48 -15.52 -33.21
C PRO A 463 -0.86 -15.00 -34.58
N PRO A 464 -0.64 -15.79 -35.63
CA PRO A 464 -0.96 -15.34 -36.99
C PRO A 464 -2.46 -15.30 -37.23
N ASN A 465 -2.92 -14.20 -37.83
CA ASN A 465 -4.26 -14.19 -38.43
C ASN A 465 -4.23 -14.80 -39.83
N GLN A 466 -3.10 -14.70 -40.52
CA GLN A 466 -2.83 -15.49 -41.70
C GLN A 466 -1.33 -15.76 -41.75
N GLY A 467 -0.94 -16.71 -42.60
CA GLY A 467 0.42 -17.16 -42.61
C GLY A 467 0.68 -18.15 -41.48
N GLN A 468 1.94 -18.53 -41.34
CA GLN A 468 2.31 -19.53 -40.34
C GLN A 468 3.68 -19.20 -39.75
N VAL A 469 3.94 -19.80 -38.60
CA VAL A 469 5.22 -19.70 -37.92
C VAL A 469 5.62 -21.09 -37.44
N SER A 470 6.89 -21.45 -37.65
CA SER A 470 7.42 -22.71 -37.16
C SER A 470 8.81 -22.46 -36.61
N VAL A 471 9.06 -23.00 -35.41
CA VAL A 471 10.34 -22.83 -34.73
C VAL A 471 10.77 -24.17 -34.16
N HIS A 472 12.08 -24.44 -34.19
CA HIS A 472 12.62 -25.65 -33.59
C HIS A 472 13.90 -25.31 -32.86
N GLY A 473 13.96 -25.66 -31.59
CA GLY A 473 15.06 -25.30 -30.71
C GLY A 473 14.61 -24.39 -29.58
N ARG A 474 15.50 -24.26 -28.59
CA ARG A 474 15.25 -23.41 -27.45
C ARG A 474 15.49 -21.92 -27.76
N ILE A 475 14.48 -21.11 -27.44
CA ILE A 475 14.54 -19.66 -27.61
C ILE A 475 15.32 -19.03 -26.46
N ALA A 476 16.05 -17.96 -26.77
CA ALA A 476 16.61 -17.05 -25.78
C ALA A 476 16.06 -15.65 -26.02
N TYR A 477 15.17 -15.21 -25.13
CA TYR A 477 14.43 -13.96 -25.25
C TYR A 477 15.04 -12.86 -24.38
N VAL A 478 15.57 -11.83 -25.02
CA VAL A 478 16.15 -10.67 -24.34
C VAL A 478 15.21 -9.49 -24.49
N SER A 479 14.35 -9.29 -23.48
CA SER A 479 13.34 -8.24 -23.52
C SER A 479 13.99 -6.86 -23.62
N GLN A 480 13.33 -5.96 -24.35
CA GLN A 480 13.82 -4.59 -24.49
C GLN A 480 13.99 -3.91 -23.14
N GLN A 481 12.97 -3.94 -22.30
CA GLN A 481 13.11 -3.56 -20.90
C GLN A 481 13.82 -4.66 -20.12
N PRO A 482 15.02 -4.42 -19.59
CA PRO A 482 15.69 -5.45 -18.80
C PRO A 482 14.87 -5.89 -17.60
N TRP A 483 14.86 -7.20 -17.36
CA TRP A 483 14.21 -7.83 -16.21
C TRP A 483 15.24 -8.30 -15.19
N VAL A 484 15.18 -7.73 -13.98
CA VAL A 484 16.06 -8.09 -12.88
C VAL A 484 15.23 -8.22 -11.62
N PHE A 485 15.44 -9.32 -10.89
CA PHE A 485 14.64 -9.66 -9.72
C PHE A 485 15.52 -9.80 -8.48
N SER A 486 14.86 -9.65 -7.33
CA SER A 486 15.52 -9.71 -6.03
C SER A 486 16.30 -11.02 -5.84
N GLY A 487 17.51 -10.89 -5.32
CA GLY A 487 18.41 -12.00 -5.12
C GLY A 487 19.84 -11.54 -5.31
N THR A 488 20.72 -12.49 -5.63
CA THR A 488 22.05 -12.14 -6.05
C THR A 488 22.09 -11.98 -7.57
N VAL A 489 22.97 -11.10 -8.03
CA VAL A 489 23.24 -11.00 -9.46
C VAL A 489 23.60 -12.37 -10.03
N ARG A 490 24.32 -13.18 -9.24
CA ARG A 490 24.58 -14.55 -9.67
C ARG A 490 23.30 -15.37 -9.74
N SER A 491 22.35 -15.12 -8.82
CA SER A 491 21.06 -15.79 -8.94
C SER A 491 20.33 -15.33 -10.20
N ASN A 492 20.47 -14.04 -10.55
CA ASN A 492 19.88 -13.53 -11.79
C ASN A 492 20.50 -14.19 -13.02
N ILE A 493 21.81 -14.46 -12.98
CA ILE A 493 22.49 -15.08 -14.11
C ILE A 493 22.20 -16.57 -14.17
N LEU A 494 22.37 -17.28 -13.06
CA LEU A 494 22.17 -18.74 -13.08
C LEU A 494 20.75 -19.08 -13.49
N PHE A 495 19.75 -18.45 -12.87
CA PHE A 495 18.36 -18.64 -13.25
C PHE A 495 17.97 -20.13 -13.22
N GLY A 496 18.39 -20.81 -12.16
CA GLY A 496 18.09 -22.21 -11.95
C GLY A 496 19.12 -23.18 -12.53
N LYS A 497 19.93 -22.73 -13.48
CA LYS A 497 21.01 -23.54 -14.02
C LYS A 497 22.10 -23.77 -12.97
N LYS A 498 22.81 -24.87 -13.12
CA LYS A 498 23.91 -25.19 -12.20
C LYS A 498 25.02 -24.17 -12.33
N TYR A 499 25.63 -23.84 -11.20
CA TYR A 499 26.79 -22.95 -11.19
C TYR A 499 28.02 -23.69 -11.68
N GLU A 500 28.70 -23.11 -12.67
CA GLU A 500 29.96 -23.66 -13.17
C GLU A 500 30.91 -22.51 -13.42
N LYS A 501 32.04 -22.53 -12.72
CA LYS A 501 32.93 -21.38 -12.69
C LYS A 501 33.45 -20.99 -14.06
N GLU A 502 33.87 -21.97 -14.88
CA GLU A 502 34.49 -21.65 -16.15
C GLU A 502 33.52 -20.96 -17.11
N ARG A 503 32.43 -21.63 -17.46
CA ARG A 503 31.42 -20.99 -18.30
C ARG A 503 30.86 -19.73 -17.65
N TYR A 504 30.64 -19.77 -16.33
CA TYR A 504 30.15 -18.58 -15.63
C TYR A 504 31.10 -17.40 -15.77
N GLU A 505 32.39 -17.60 -15.47
CA GLU A 505 33.38 -16.55 -15.66
C GLU A 505 33.51 -16.15 -17.12
N LYS A 506 33.44 -17.12 -18.03
CA LYS A 506 33.45 -16.79 -19.46
C LYS A 506 32.27 -15.89 -19.84
N VAL A 507 31.10 -16.13 -19.25
CA VAL A 507 29.96 -15.23 -19.45
C VAL A 507 30.24 -13.87 -18.81
N ILE A 508 30.69 -13.87 -17.56
CA ILE A 508 31.00 -12.62 -16.86
C ILE A 508 31.95 -11.74 -17.65
N LYS A 509 33.01 -12.33 -18.24
CA LYS A 509 33.86 -11.54 -19.12
C LYS A 509 33.24 -11.29 -20.50
N ALA A 510 32.57 -12.28 -21.10
CA ALA A 510 32.03 -12.08 -22.44
C ALA A 510 30.90 -11.03 -22.44
N CYS A 511 30.10 -10.98 -21.37
CA CYS A 511 29.12 -9.92 -21.18
C CYS A 511 29.71 -8.66 -20.53
N ALA A 512 31.03 -8.54 -20.54
CA ALA A 512 31.73 -7.34 -20.06
C ALA A 512 31.32 -6.93 -18.64
N LEU A 513 31.38 -7.90 -17.72
CA LEU A 513 30.83 -7.79 -16.38
C LEU A 513 31.85 -8.00 -15.28
N LYS A 514 33.04 -8.53 -15.60
CA LYS A 514 34.07 -8.76 -14.60
C LYS A 514 34.42 -7.49 -13.83
N LYS A 515 34.69 -6.40 -14.55
CA LYS A 515 35.09 -5.15 -13.90
C LYS A 515 34.09 -4.70 -12.84
N ASP A 516 32.82 -4.53 -13.24
CA ASP A 516 31.80 -4.09 -12.29
C ASP A 516 31.76 -4.96 -11.05
N LEU A 517 31.67 -6.28 -11.22
CA LEU A 517 31.65 -7.18 -10.06
C LEU A 517 32.90 -7.03 -9.20
N GLN A 518 34.04 -6.70 -9.80
CA GLN A 518 35.22 -6.38 -8.98
C GLN A 518 35.10 -5.03 -8.28
N LEU A 519 34.36 -4.08 -8.86
CA LEU A 519 34.10 -2.83 -8.15
C LEU A 519 33.09 -3.01 -7.03
N LEU A 520 32.13 -3.91 -7.19
CA LEU A 520 31.18 -4.19 -6.12
C LEU A 520 31.87 -4.80 -4.90
N GLU A 521 31.45 -4.36 -3.72
CA GLU A 521 32.09 -4.82 -2.48
C GLU A 521 31.77 -6.27 -2.20
N ASP A 522 30.52 -6.69 -2.39
CA ASP A 522 30.13 -8.07 -2.11
C ASP A 522 30.17 -8.92 -3.37
N GLY A 523 30.83 -8.45 -4.42
CA GLY A 523 30.94 -9.22 -5.63
C GLY A 523 29.56 -9.58 -6.18
N ASP A 524 29.50 -10.75 -6.81
CA ASP A 524 28.26 -11.25 -7.37
C ASP A 524 27.24 -11.65 -6.30
N LEU A 525 27.60 -11.57 -5.03
CA LEU A 525 26.67 -11.82 -3.93
C LEU A 525 26.00 -10.55 -3.42
N THR A 526 26.22 -9.42 -4.09
CA THR A 526 25.53 -8.19 -3.72
C THR A 526 24.02 -8.38 -3.80
N MET A 527 23.30 -7.80 -2.84
CA MET A 527 21.85 -7.88 -2.82
C MET A 527 21.25 -6.87 -3.80
N ILE A 528 20.23 -7.32 -4.53
CA ILE A 528 19.59 -6.51 -5.57
C ILE A 528 18.15 -6.28 -5.17
N GLY A 529 17.65 -5.07 -5.46
CA GLY A 529 16.31 -4.69 -5.07
C GLY A 529 15.25 -5.39 -5.91
N ASP A 530 13.99 -5.05 -5.60
CA ASP A 530 12.86 -5.64 -6.29
C ASP A 530 12.96 -5.49 -7.81
N ARG A 531 13.39 -4.32 -8.28
CA ARG A 531 13.52 -4.00 -9.70
C ARG A 531 14.94 -3.61 -10.10
N GLY A 532 15.93 -3.96 -9.27
CA GLY A 532 17.30 -3.54 -9.53
C GLY A 532 17.54 -2.06 -9.43
N THR A 533 16.65 -1.33 -8.74
CA THR A 533 16.83 0.10 -8.56
C THR A 533 18.20 0.43 -8.01
N THR A 534 18.82 -0.50 -7.29
CA THR A 534 20.19 -0.35 -6.82
C THR A 534 21.24 -0.52 -7.93
N LEU A 535 20.82 -0.86 -9.15
CA LEU A 535 21.72 -1.12 -10.26
C LEU A 535 21.49 -0.12 -11.37
N SER A 536 22.56 0.22 -12.08
CA SER A 536 22.45 1.05 -13.26
C SER A 536 21.66 0.33 -14.36
N GLY A 537 21.12 1.12 -15.28
CA GLY A 537 20.44 0.56 -16.43
C GLY A 537 21.28 -0.42 -17.23
N GLY A 538 22.48 0.00 -17.63
CA GLY A 538 23.37 -0.95 -18.28
C GLY A 538 23.73 -2.17 -17.46
N GLN A 539 23.81 -2.02 -16.13
CA GLN A 539 24.04 -3.18 -15.27
C GLN A 539 22.91 -4.20 -15.36
N LYS A 540 21.68 -3.77 -15.06
CA LYS A 540 20.54 -4.66 -15.17
C LYS A 540 20.43 -5.25 -16.58
N ALA A 541 20.65 -4.43 -17.61
CA ALA A 541 20.66 -4.94 -18.97
C ALA A 541 21.72 -6.02 -19.16
N ARG A 542 22.96 -5.74 -18.77
CA ARG A 542 24.03 -6.73 -18.91
C ARG A 542 23.76 -8.00 -18.10
N VAL A 543 23.18 -7.85 -16.91
CA VAL A 543 22.82 -9.02 -16.11
C VAL A 543 21.77 -9.86 -16.84
N ASN A 544 20.72 -9.20 -17.32
CA ASN A 544 19.72 -9.86 -18.16
C ASN A 544 20.39 -10.62 -19.30
N LEU A 545 21.26 -9.93 -20.05
CA LEU A 545 21.92 -10.55 -21.20
C LEU A 545 22.81 -11.72 -20.77
N ALA A 546 23.56 -11.55 -19.68
CA ALA A 546 24.35 -12.65 -19.14
C ALA A 546 23.48 -13.85 -18.79
N ARG A 547 22.35 -13.61 -18.10
CA ARG A 547 21.37 -14.67 -17.88
C ARG A 547 21.03 -15.40 -19.18
N ALA A 548 20.63 -14.66 -20.20
CA ALA A 548 20.34 -15.28 -21.50
C ALA A 548 21.48 -16.18 -21.96
N VAL A 549 22.71 -15.66 -21.98
CA VAL A 549 23.83 -16.46 -22.46
C VAL A 549 24.05 -17.69 -21.59
N TYR A 550 23.86 -17.55 -20.28
CA TYR A 550 24.12 -18.67 -19.36
C TYR A 550 23.26 -19.89 -19.67
N GLN A 551 22.05 -19.68 -20.17
CA GLN A 551 21.16 -20.80 -20.47
C GLN A 551 21.68 -21.65 -21.62
N ASP A 552 22.56 -21.11 -22.47
CA ASP A 552 23.10 -21.85 -23.60
C ASP A 552 22.00 -22.39 -24.50
N ALA A 553 21.12 -21.48 -24.94
CA ALA A 553 19.97 -21.80 -25.76
C ALA A 553 20.41 -22.00 -27.21
N ASP A 554 19.43 -22.30 -28.07
CA ASP A 554 19.65 -22.50 -29.50
C ASP A 554 19.32 -21.28 -30.33
N ILE A 555 18.21 -20.61 -30.05
CA ILE A 555 17.75 -19.44 -30.81
C ILE A 555 17.77 -18.20 -29.91
N TYR A 556 18.60 -17.23 -30.28
CA TYR A 556 18.79 -15.99 -29.55
C TYR A 556 18.05 -14.83 -30.22
N LEU A 557 17.01 -14.34 -29.54
CA LEU A 557 16.22 -13.18 -29.95
C LEU A 557 16.71 -11.97 -29.14
N LEU A 558 17.63 -11.23 -29.76
CA LEU A 558 18.31 -10.10 -29.12
C LEU A 558 17.55 -8.81 -29.48
N ASP A 559 16.80 -8.30 -28.52
CA ASP A 559 15.99 -7.09 -28.69
C ASP A 559 16.74 -5.86 -28.18
N ASP A 560 17.48 -5.23 -29.08
CA ASP A 560 18.19 -3.98 -28.80
C ASP A 560 19.03 -4.04 -27.52
N PRO A 561 19.88 -5.06 -27.36
CA PRO A 561 20.56 -5.24 -26.07
C PRO A 561 21.69 -4.24 -25.82
N LEU A 562 22.25 -3.63 -26.87
CA LEU A 562 23.46 -2.82 -26.78
C LEU A 562 23.19 -1.34 -26.54
N SER A 563 21.93 -0.90 -26.63
CA SER A 563 21.60 0.52 -26.50
C SER A 563 21.92 1.10 -25.13
N ALA A 564 21.99 0.26 -24.09
CA ALA A 564 22.25 0.70 -22.73
C ALA A 564 23.73 0.70 -22.32
N VAL A 565 24.66 0.51 -23.26
CA VAL A 565 26.08 0.62 -22.94
C VAL A 565 26.80 1.58 -23.90
N ASP A 566 27.89 2.15 -23.40
CA ASP A 566 28.74 3.05 -24.16
C ASP A 566 29.34 2.36 -25.40
N ALA A 567 29.67 3.19 -26.40
CA ALA A 567 30.03 2.69 -27.73
C ALA A 567 31.17 1.67 -27.69
N GLU A 568 32.18 1.90 -26.85
CA GLU A 568 33.27 0.93 -26.67
C GLU A 568 32.73 -0.41 -26.18
N VAL A 569 31.90 -0.39 -25.13
CA VAL A 569 31.34 -1.63 -24.59
C VAL A 569 30.31 -2.21 -25.55
N SER A 570 29.55 -1.36 -26.22
CA SER A 570 28.62 -1.81 -27.24
C SER A 570 29.31 -2.64 -28.33
N ARG A 571 30.41 -2.13 -28.90
CA ARG A 571 31.11 -2.88 -29.93
C ARG A 571 31.89 -4.07 -29.37
N HIS A 572 32.40 -3.97 -28.14
CA HIS A 572 33.02 -5.13 -27.51
C HIS A 572 32.03 -6.28 -27.35
N LEU A 573 30.84 -5.97 -26.85
CA LEU A 573 29.76 -6.97 -26.74
C LEU A 573 29.34 -7.51 -28.10
N PHE A 574 29.19 -6.65 -29.10
CA PHE A 574 28.83 -7.16 -30.43
C PHE A 574 29.92 -8.06 -31.01
N GLU A 575 31.17 -7.61 -31.00
CA GLU A 575 32.20 -8.34 -31.73
C GLU A 575 32.56 -9.66 -31.06
N LEU A 576 32.88 -9.64 -29.76
CA LEU A 576 33.23 -10.88 -29.10
C LEU A 576 32.01 -11.76 -28.84
N CYS A 577 30.98 -11.23 -28.19
CA CYS A 577 29.86 -12.10 -27.83
C CYS A 577 28.97 -12.45 -29.02
N ILE A 578 28.48 -11.44 -29.74
CA ILE A 578 27.52 -11.71 -30.81
C ILE A 578 28.20 -12.28 -32.05
N CYS A 579 29.26 -11.63 -32.54
CA CYS A 579 29.92 -12.12 -33.74
C CYS A 579 30.80 -13.35 -33.50
N GLN A 580 31.73 -13.30 -32.53
CA GLN A 580 32.65 -14.42 -32.33
C GLN A 580 32.01 -15.60 -31.60
N ALA A 581 31.36 -15.37 -30.46
CA ALA A 581 31.02 -16.46 -29.55
C ALA A 581 29.70 -17.14 -29.89
N LEU A 582 28.64 -16.37 -30.07
CA LEU A 582 27.32 -16.90 -30.44
C LEU A 582 27.23 -17.31 -31.91
N HIS A 583 28.35 -17.27 -32.62
CA HIS A 583 28.39 -17.50 -34.07
C HIS A 583 27.67 -18.77 -34.50
N GLU A 584 27.76 -19.84 -33.71
CA GLU A 584 27.17 -21.12 -34.11
C GLU A 584 25.65 -21.18 -34.01
N LYS A 585 24.98 -20.09 -33.60
CA LYS A 585 23.57 -20.10 -33.27
C LYS A 585 22.78 -19.10 -34.11
N ILE A 586 21.53 -19.48 -34.39
CA ILE A 586 20.56 -18.56 -34.97
C ILE A 586 20.40 -17.32 -34.11
N ARG A 587 20.56 -16.15 -34.74
CA ARG A 587 20.35 -14.87 -34.07
C ARG A 587 19.45 -13.98 -34.92
N ILE A 588 18.44 -13.40 -34.28
CA ILE A 588 17.63 -12.29 -34.79
C ILE A 588 17.82 -11.07 -33.89
N LEU A 589 18.37 -10.00 -34.47
CA LEU A 589 18.88 -8.86 -33.69
C LEU A 589 18.15 -7.60 -34.14
N VAL A 590 17.13 -7.22 -33.37
CA VAL A 590 16.46 -5.92 -33.46
C VAL A 590 17.43 -4.83 -33.00
N THR A 591 17.91 -4.02 -33.93
CA THR A 591 18.95 -3.04 -33.63
C THR A 591 18.77 -1.81 -34.51
N HIS A 592 19.18 -0.67 -33.94
CA HIS A 592 19.38 0.58 -34.67
C HIS A 592 20.86 0.86 -34.93
N GLN A 593 21.77 0.04 -34.42
CA GLN A 593 23.20 0.26 -34.59
C GLN A 593 23.59 -0.25 -35.99
N LEU A 594 23.35 0.63 -36.98
CA LEU A 594 23.76 0.36 -38.36
C LEU A 594 25.25 0.01 -38.46
N GLN A 595 26.06 0.46 -37.50
CA GLN A 595 27.47 0.12 -37.50
C GLN A 595 27.73 -1.38 -37.46
N TYR A 596 26.78 -2.20 -36.98
CA TYR A 596 26.98 -3.64 -36.89
C TYR A 596 26.30 -4.42 -38.01
N LEU A 597 25.41 -3.80 -38.80
CA LEU A 597 24.65 -4.52 -39.82
C LEU A 597 25.55 -5.18 -40.88
N LYS A 598 26.72 -4.60 -41.15
CA LYS A 598 27.63 -5.22 -42.11
C LYS A 598 28.05 -6.62 -41.70
N ALA A 599 28.04 -6.93 -40.40
CA ALA A 599 28.37 -8.27 -39.95
C ALA A 599 27.19 -9.24 -40.04
N ALA A 600 25.96 -8.74 -40.15
CA ALA A 600 24.80 -9.63 -40.26
C ALA A 600 24.79 -10.38 -41.59
N SER A 601 24.43 -11.66 -41.52
CA SER A 601 24.22 -12.46 -42.73
C SER A 601 23.03 -11.97 -43.54
N GLN A 602 22.00 -11.45 -42.88
CA GLN A 602 20.80 -11.01 -43.56
C GLN A 602 20.15 -9.88 -42.75
N ILE A 603 19.51 -8.97 -43.48
CA ILE A 603 18.86 -7.79 -42.91
C ILE A 603 17.41 -7.70 -43.38
N LEU A 604 16.50 -7.46 -42.44
CA LEU A 604 15.08 -7.26 -42.69
C LEU A 604 14.63 -5.88 -42.24
N ILE A 605 14.18 -5.08 -43.20
CA ILE A 605 13.70 -3.72 -42.95
C ILE A 605 12.17 -3.71 -42.93
N LEU A 606 11.62 -3.36 -41.79
CA LEU A 606 10.18 -3.19 -41.57
C LEU A 606 9.81 -1.72 -41.53
N LYS A 607 8.70 -1.38 -42.18
CA LYS A 607 8.10 -0.06 -42.03
C LYS A 607 6.58 -0.21 -42.05
N ASP A 608 5.94 0.51 -41.12
CA ASP A 608 4.49 0.62 -41.03
C ASP A 608 3.83 -0.77 -40.98
N GLY A 609 4.48 -1.68 -40.26
CA GLY A 609 3.97 -3.03 -40.06
C GLY A 609 4.08 -3.98 -41.24
N GLN A 610 4.96 -3.73 -42.19
CA GLN A 610 5.11 -4.62 -43.33
C GLN A 610 6.56 -4.63 -43.80
N MET A 611 6.94 -5.72 -44.44
CA MET A 611 8.29 -5.91 -44.95
C MET A 611 8.57 -4.98 -46.13
N VAL A 612 9.55 -4.09 -45.96
CA VAL A 612 9.97 -3.17 -47.01
C VAL A 612 10.99 -3.88 -47.90
N GLN A 613 12.15 -4.21 -47.33
CA GLN A 613 13.20 -4.88 -48.07
C GLN A 613 13.85 -5.95 -47.19
N LYS A 614 14.40 -6.97 -47.87
CA LYS A 614 15.07 -8.10 -47.25
C LYS A 614 16.35 -8.40 -47.99
N GLY A 615 17.47 -8.40 -47.27
CA GLY A 615 18.76 -8.75 -47.83
C GLY A 615 19.63 -9.51 -46.86
N GLU A 693 11.67 3.86 16.63
CA GLU A 693 10.73 2.75 16.50
C GLU A 693 10.65 1.90 17.77
N GLY A 694 9.69 0.97 17.78
CA GLY A 694 9.54 0.03 18.86
C GLY A 694 8.87 0.56 20.12
N LYS A 695 8.98 1.85 20.39
CA LYS A 695 8.35 2.42 21.57
C LYS A 695 7.97 3.88 21.31
N VAL A 696 6.88 4.32 21.94
CA VAL A 696 6.41 5.70 21.84
C VAL A 696 6.20 6.25 23.25
N GLY A 697 6.16 7.58 23.35
CA GLY A 697 5.95 8.24 24.62
C GLY A 697 4.75 9.17 24.69
N PHE A 698 4.33 9.49 25.92
CA PHE A 698 3.13 10.29 26.17
C PHE A 698 2.99 11.48 25.24
N LYS A 699 4.10 12.06 24.80
CA LYS A 699 4.02 13.19 23.87
C LYS A 699 3.22 12.84 22.62
N ALA A 700 3.48 11.66 22.03
CA ALA A 700 2.78 11.30 20.80
C ALA A 700 1.29 11.08 21.02
N TYR A 701 0.88 10.61 22.19
CA TYR A 701 -0.55 10.56 22.48
C TYR A 701 -1.14 11.96 22.67
N LYS A 702 -0.49 12.82 23.45
CA LYS A 702 -1.00 14.18 23.64
C LYS A 702 -1.14 14.94 22.32
N ASN A 703 -0.16 14.82 21.43
CA ASN A 703 -0.23 15.46 20.12
C ASN A 703 -1.38 14.90 19.28
N TYR A 704 -1.48 13.57 19.19
CA TYR A 704 -2.53 12.99 18.37
C TYR A 704 -3.94 13.41 18.79
N PHE A 705 -4.20 13.58 20.09
CA PHE A 705 -5.53 14.05 20.48
C PHE A 705 -5.67 15.56 20.39
N THR A 706 -4.67 16.31 20.87
CA THR A 706 -4.76 17.77 20.90
C THR A 706 -4.79 18.40 19.52
N ALA A 707 -4.12 17.80 18.54
CA ALA A 707 -4.25 18.26 17.15
C ALA A 707 -5.70 18.27 16.69
N GLY A 708 -6.55 17.45 17.28
CA GLY A 708 -7.89 17.28 16.77
C GLY A 708 -8.90 18.28 17.25
N ALA A 709 -8.73 18.82 18.46
CA ALA A 709 -9.69 19.80 18.94
C ALA A 709 -9.09 20.64 20.07
N HIS A 710 -9.73 21.78 20.32
CA HIS A 710 -9.47 22.59 21.50
C HIS A 710 -9.66 21.75 22.77
N TRP A 711 -8.85 22.03 23.80
CA TRP A 711 -8.91 21.22 25.02
C TRP A 711 -10.30 21.14 25.62
N PHE A 712 -11.18 22.09 25.34
CA PHE A 712 -12.53 21.98 25.87
C PHE A 712 -13.23 20.72 25.37
N ILE A 713 -12.98 20.31 24.13
CA ILE A 713 -13.59 19.09 23.62
C ILE A 713 -13.01 17.85 24.29
N ILE A 714 -11.67 17.75 24.37
CA ILE A 714 -11.05 16.53 24.89
C ILE A 714 -11.33 16.34 26.37
N ILE A 715 -11.46 17.42 27.15
CA ILE A 715 -11.90 17.23 28.53
C ILE A 715 -13.39 16.90 28.61
N PHE A 716 -14.21 17.41 27.70
CA PHE A 716 -15.61 17.01 27.68
C PHE A 716 -15.76 15.55 27.30
N LEU A 717 -14.96 15.08 26.34
CA LEU A 717 -14.95 13.66 25.97
C LEU A 717 -14.68 12.74 27.16
N ILE A 718 -13.76 13.12 28.04
CA ILE A 718 -13.48 12.31 29.22
C ILE A 718 -14.64 12.31 30.19
N LEU A 719 -15.28 13.46 30.42
CA LEU A 719 -16.46 13.50 31.27
C LEU A 719 -17.67 12.77 30.68
N VAL A 720 -17.78 12.68 29.35
CA VAL A 720 -18.80 11.84 28.74
C VAL A 720 -18.50 10.35 28.91
N ASN A 721 -17.26 9.92 28.69
CA ASN A 721 -16.92 8.52 28.95
C ASN A 721 -17.24 8.10 30.37
N LEU A 722 -16.70 8.81 31.36
CA LEU A 722 -16.95 8.43 32.74
C LEU A 722 -18.44 8.49 33.09
N ALA A 723 -19.16 9.49 32.57
CA ALA A 723 -20.60 9.53 32.80
C ALA A 723 -21.31 8.32 32.22
N ALA A 724 -20.91 7.89 31.03
CA ALA A 724 -21.54 6.70 30.44
C ALA A 724 -21.28 5.47 31.30
N GLN A 725 -20.03 5.23 31.66
CA GLN A 725 -19.70 4.04 32.45
C GLN A 725 -20.33 4.07 33.83
N VAL A 726 -20.33 5.22 34.50
CA VAL A 726 -20.95 5.29 35.82
C VAL A 726 -22.44 5.02 35.74
N SER A 727 -23.11 5.55 34.72
CA SER A 727 -24.54 5.26 34.56
C SER A 727 -24.77 3.78 34.25
N TYR A 728 -23.89 3.19 33.45
CA TYR A 728 -24.02 1.77 33.14
C TYR A 728 -23.93 0.92 34.40
N ILE A 729 -22.94 1.18 35.24
CA ILE A 729 -22.83 0.51 36.54
C ILE A 729 -24.02 0.82 37.42
N LEU A 730 -24.42 2.09 37.49
CA LEU A 730 -25.49 2.49 38.40
C LEU A 730 -26.85 1.92 38.05
N GLN A 731 -27.11 1.60 36.79
CA GLN A 731 -28.38 0.95 36.49
C GLN A 731 -28.47 -0.39 37.21
N ASP A 732 -27.42 -1.21 37.09
CA ASP A 732 -27.43 -2.52 37.72
C ASP A 732 -27.40 -2.41 39.24
N TRP A 733 -26.62 -1.48 39.77
CA TRP A 733 -26.72 -1.23 41.21
C TRP A 733 -28.13 -0.83 41.60
N TRP A 734 -28.82 -0.07 40.76
CA TRP A 734 -30.16 0.36 41.13
C TRP A 734 -31.11 -0.82 41.21
N LEU A 735 -31.04 -1.76 40.27
CA LEU A 735 -31.79 -2.99 40.42
C LEU A 735 -31.47 -3.68 41.74
N SER A 736 -30.18 -3.88 42.02
CA SER A 736 -29.79 -4.54 43.26
C SER A 736 -30.36 -3.83 44.47
N TYR A 737 -30.36 -2.49 44.44
CA TYR A 737 -30.90 -1.73 45.56
C TYR A 737 -32.40 -1.89 45.64
N TRP A 738 -33.08 -1.90 44.49
CA TRP A 738 -34.51 -2.12 44.47
C TRP A 738 -34.82 -3.51 45.01
N ALA A 739 -34.00 -4.49 44.66
CA ALA A 739 -34.20 -5.83 45.16
C ALA A 739 -34.07 -5.90 46.68
N ASN A 740 -32.99 -5.31 47.24
CA ASN A 740 -32.86 -5.26 48.69
C ASN A 740 -34.08 -4.63 49.34
N GLN A 741 -34.48 -3.45 48.88
CA GLN A 741 -35.63 -2.76 49.45
C GLN A 741 -36.86 -3.65 49.43
N GLN A 742 -37.21 -4.18 48.26
CA GLN A 742 -38.40 -5.03 48.16
C GLN A 742 -38.28 -6.21 49.10
N SER A 743 -37.06 -6.74 49.26
CA SER A 743 -36.82 -7.83 50.19
C SER A 743 -36.86 -7.41 51.65
N ALA A 744 -36.83 -6.10 51.93
CA ALA A 744 -36.97 -5.63 53.30
C ALA A 744 -38.41 -5.62 53.78
N LEU A 745 -39.36 -5.42 52.88
CA LEU A 745 -40.77 -5.45 53.27
C LEU A 745 -41.20 -6.86 53.65
N THR A 756 -51.34 -4.97 53.60
CA THR A 756 -50.30 -4.95 52.59
C THR A 756 -49.69 -3.57 52.40
N GLU A 757 -48.43 -3.56 51.97
CA GLU A 757 -47.74 -2.33 51.61
C GLU A 757 -46.72 -2.65 50.53
N LYS A 758 -46.49 -1.68 49.64
CA LYS A 758 -45.65 -1.92 48.48
C LYS A 758 -44.94 -0.64 48.07
N LEU A 759 -43.83 -0.83 47.36
CA LEU A 759 -43.04 0.28 46.84
C LEU A 759 -43.84 1.13 45.85
N ASP A 760 -43.62 2.43 45.89
CA ASP A 760 -44.18 3.36 44.92
C ASP A 760 -43.35 3.32 43.65
N LEU A 761 -43.87 2.63 42.63
CA LEU A 761 -43.14 2.50 41.37
C LEU A 761 -42.79 3.86 40.77
N ASN A 762 -43.65 4.87 40.96
CA ASN A 762 -43.39 6.18 40.37
C ASN A 762 -42.13 6.80 40.94
N TRP A 763 -41.66 6.32 42.10
CA TRP A 763 -40.30 6.63 42.54
C TRP A 763 -39.31 5.66 41.90
N TYR A 764 -39.45 4.37 42.18
CA TYR A 764 -38.41 3.42 41.78
C TYR A 764 -38.32 3.33 40.26
N LEU A 765 -39.45 3.06 39.61
CA LEU A 765 -39.46 2.99 38.15
C LEU A 765 -39.14 4.35 37.55
N GLY A 766 -39.46 5.42 38.26
CA GLY A 766 -38.99 6.74 37.90
C GLY A 766 -37.49 6.84 37.78
N ILE A 767 -36.78 6.71 38.91
CA ILE A 767 -35.33 6.91 38.90
C ILE A 767 -34.67 5.92 37.96
N TYR A 768 -35.17 4.69 37.93
CA TYR A 768 -34.65 3.69 37.01
C TYR A 768 -34.68 4.16 35.56
N SER A 769 -35.80 4.76 35.15
CA SER A 769 -35.91 5.27 33.78
C SER A 769 -34.83 6.31 33.48
N GLY A 770 -34.49 7.14 34.46
CA GLY A 770 -33.42 8.11 34.26
C GLY A 770 -32.07 7.47 34.03
N LEU A 771 -31.71 6.48 34.85
CA LEU A 771 -30.41 5.86 34.70
C LEU A 771 -30.25 5.15 33.37
N THR A 772 -31.29 4.45 32.90
CA THR A 772 -31.21 3.87 31.57
C THR A 772 -31.18 4.94 30.48
N ALA A 773 -31.98 6.00 30.64
CA ALA A 773 -31.97 7.08 29.65
C ALA A 773 -30.60 7.74 29.52
N SER A 774 -29.95 8.03 30.65
CA SER A 774 -28.59 8.57 30.61
C SER A 774 -27.60 7.62 29.96
N THR A 775 -27.71 6.32 30.24
CA THR A 775 -26.78 5.35 29.65
C THR A 775 -26.91 5.34 28.13
N VAL A 776 -28.15 5.32 27.63
CA VAL A 776 -28.38 5.31 26.19
C VAL A 776 -27.83 6.58 25.55
N LEU A 777 -28.10 7.71 26.17
CA LEU A 777 -27.68 9.00 25.64
C LEU A 777 -26.16 9.13 25.58
N PHE A 778 -25.48 8.95 26.72
CA PHE A 778 -24.03 9.12 26.72
C PHE A 778 -23.31 8.00 25.98
N GLY A 779 -23.91 6.81 25.90
CA GLY A 779 -23.32 5.77 25.07
C GLY A 779 -23.24 6.18 23.62
N ILE A 780 -24.28 6.80 23.09
CA ILE A 780 -24.29 7.24 21.70
C ILE A 780 -23.38 8.45 21.51
N VAL A 781 -23.49 9.45 22.39
CA VAL A 781 -22.61 10.61 22.31
C VAL A 781 -21.15 10.21 22.41
N ARG A 782 -20.82 9.33 23.35
CA ARG A 782 -19.45 8.84 23.49
C ARG A 782 -18.93 8.26 22.19
N SER A 783 -19.67 7.33 21.60
CA SER A 783 -19.19 6.65 20.41
C SER A 783 -19.01 7.59 19.21
N LEU A 784 -19.96 8.49 18.97
CA LEU A 784 -19.82 9.42 17.86
C LEU A 784 -18.68 10.40 18.07
N LEU A 785 -18.58 10.96 19.27
CA LEU A 785 -17.59 12.00 19.54
C LEU A 785 -16.15 11.49 19.41
N VAL A 786 -15.88 10.25 19.81
CA VAL A 786 -14.53 9.72 19.58
C VAL A 786 -14.18 9.73 18.09
N PHE A 787 -15.06 9.22 17.24
CA PHE A 787 -14.77 9.27 15.81
C PHE A 787 -14.58 10.69 15.31
N PHE A 788 -15.41 11.63 15.77
CA PHE A 788 -15.24 13.02 15.35
C PHE A 788 -13.87 13.57 15.71
N VAL A 789 -13.46 13.44 16.98
CA VAL A 789 -12.19 14.00 17.42
C VAL A 789 -11.03 13.32 16.71
N LEU A 790 -11.06 12.00 16.59
CA LEU A 790 -9.91 11.33 16.00
C LEU A 790 -9.87 11.47 14.48
N VAL A 791 -11.01 11.53 13.81
CA VAL A 791 -10.98 11.78 12.36
C VAL A 791 -10.60 13.21 12.05
N SER A 792 -11.09 14.17 12.85
CA SER A 792 -10.59 15.53 12.73
C SER A 792 -9.08 15.59 12.91
N SER A 793 -8.56 14.85 13.89
CA SER A 793 -7.12 14.76 14.07
C SER A 793 -6.42 14.28 12.81
N SER A 794 -6.91 13.20 12.20
CA SER A 794 -6.26 12.70 10.99
C SER A 794 -6.41 13.64 9.82
N GLN A 795 -7.54 14.34 9.70
CA GLN A 795 -7.68 15.36 8.68
C GLN A 795 -6.65 16.47 8.84
N THR A 796 -6.49 16.98 10.06
CA THR A 796 -5.51 18.03 10.32
C THR A 796 -4.09 17.57 10.03
N LEU A 797 -3.71 16.40 10.54
CA LEU A 797 -2.36 15.93 10.33
C LEU A 797 -2.07 15.62 8.86
N HIS A 798 -3.07 15.19 8.09
CA HIS A 798 -2.81 15.02 6.66
C HIS A 798 -2.47 16.34 5.97
N ASN A 799 -3.27 17.38 6.18
CA ASN A 799 -2.95 18.65 5.53
C ASN A 799 -1.61 19.21 6.01
N GLN A 800 -1.34 19.19 7.32
CA GLN A 800 -0.02 19.61 7.77
C GLN A 800 1.06 18.82 7.05
N MET A 801 0.93 17.50 7.07
CA MET A 801 1.97 16.67 6.46
C MET A 801 2.11 16.98 4.98
N PHE A 802 1.00 17.20 4.29
CA PHE A 802 1.04 17.48 2.85
C PHE A 802 1.64 18.86 2.55
N GLU A 803 1.28 19.89 3.30
CA GLU A 803 1.96 21.18 3.14
C GLU A 803 3.46 21.04 3.36
N SER A 804 3.87 20.29 4.36
CA SER A 804 5.29 20.09 4.65
C SER A 804 5.99 19.32 3.54
N ILE A 805 5.33 18.34 2.95
CA ILE A 805 5.94 17.57 1.87
C ILE A 805 6.06 18.39 0.59
N LEU A 806 5.12 19.30 0.32
CA LEU A 806 5.29 20.24 -0.79
C LEU A 806 6.47 21.19 -0.56
N ARG A 807 6.50 21.88 0.57
CA ARG A 807 7.54 22.87 0.80
C ARG A 807 8.87 22.29 1.26
N ALA A 808 8.98 20.98 1.45
CA ALA A 808 10.25 20.37 1.79
C ALA A 808 11.18 20.39 0.58
N PRO A 809 12.45 20.74 0.74
CA PRO A 809 13.34 20.88 -0.42
C PRO A 809 13.58 19.55 -1.12
N VAL A 810 14.19 19.67 -2.31
CA VAL A 810 14.54 18.50 -3.12
C VAL A 810 15.47 17.57 -2.34
N LEU A 811 16.48 18.13 -1.67
CA LEU A 811 17.41 17.31 -0.90
C LEU A 811 16.70 16.25 -0.07
N PHE A 812 15.56 16.59 0.54
CA PHE A 812 14.81 15.60 1.31
C PHE A 812 14.32 14.45 0.44
N PHE A 813 14.05 14.70 -0.84
CA PHE A 813 13.65 13.66 -1.77
C PHE A 813 14.82 12.90 -2.40
N ASP A 814 16.06 13.32 -2.19
CA ASP A 814 17.21 12.49 -2.55
C ASP A 814 17.63 11.55 -1.43
N ARG A 815 17.46 11.98 -0.18
CA ARG A 815 17.75 11.19 1.01
C ARG A 815 16.63 10.23 1.39
N ASN A 816 15.60 10.08 0.55
CA ASN A 816 14.60 9.03 0.72
C ASN A 816 14.21 8.43 -0.63
N PRO A 817 14.04 7.11 -0.69
CA PRO A 817 13.36 6.51 -1.85
C PRO A 817 11.85 6.73 -1.82
N ILE A 818 11.26 6.78 -3.01
CA ILE A 818 9.86 7.16 -3.17
C ILE A 818 8.93 6.33 -2.30
N GLY A 819 9.15 5.01 -2.26
CA GLY A 819 8.27 4.16 -1.48
C GLY A 819 8.27 4.50 0.00
N ARG A 820 9.42 4.90 0.54
CA ARG A 820 9.48 5.23 1.96
C ARG A 820 8.62 6.44 2.31
N ILE A 821 8.51 7.41 1.41
CA ILE A 821 7.59 8.53 1.61
C ILE A 821 6.14 8.09 1.36
N LEU A 822 5.89 7.48 0.21
CA LEU A 822 4.52 7.14 -0.15
C LEU A 822 3.86 6.19 0.84
N ASN A 823 4.65 5.39 1.56
CA ASN A 823 4.08 4.58 2.63
C ASN A 823 3.38 5.42 3.70
N ARG A 824 3.90 6.60 4.01
CA ARG A 824 3.21 7.44 4.98
C ARG A 824 1.80 7.76 4.53
N PHE A 825 1.67 8.17 3.27
CA PHE A 825 0.36 8.56 2.74
C PHE A 825 -0.55 7.36 2.48
N SER A 826 -0.01 6.27 1.94
CA SER A 826 -0.86 5.09 1.67
C SER A 826 -1.24 4.32 2.93
N LYS A 827 -0.24 3.83 3.68
CA LYS A 827 -0.52 3.02 4.86
C LYS A 827 -0.82 3.83 6.12
N ASP A 828 0.04 4.78 6.48
CA ASP A 828 -0.05 5.37 7.82
C ASP A 828 -1.23 6.30 7.97
N ILE A 829 -1.51 7.12 6.96
CA ILE A 829 -2.78 7.84 6.91
C ILE A 829 -3.95 6.85 6.82
N GLY A 830 -3.77 5.76 6.08
CA GLY A 830 -4.80 4.74 6.03
C GLY A 830 -5.19 4.20 7.40
N HIS A 831 -4.20 3.86 8.23
CA HIS A 831 -4.50 3.44 9.59
C HIS A 831 -5.19 4.53 10.39
N MET A 832 -4.73 5.78 10.27
CA MET A 832 -5.31 6.86 11.07
C MET A 832 -6.76 7.17 10.71
N ASP A 833 -7.15 6.99 9.45
CA ASP A 833 -8.52 7.28 9.05
C ASP A 833 -9.49 6.15 9.40
N ASP A 834 -9.17 4.93 8.98
CA ASP A 834 -10.10 3.80 9.05
C ASP A 834 -9.99 3.03 10.37
N LEU A 835 -8.85 2.39 10.58
CA LEU A 835 -8.74 1.35 11.59
C LEU A 835 -8.41 1.86 12.98
N LEU A 836 -7.53 2.85 13.13
CA LEU A 836 -7.10 3.25 14.46
C LEU A 836 -8.21 3.85 15.31
N PRO A 837 -9.05 4.74 14.79
CA PRO A 837 -10.11 5.31 15.65
C PRO A 837 -11.09 4.29 16.15
N LEU A 838 -11.38 3.26 15.36
CA LEU A 838 -12.17 2.14 15.84
C LEU A 838 -11.45 1.41 16.97
N THR A 839 -10.15 1.15 16.81
CA THR A 839 -9.41 0.41 17.83
C THR A 839 -9.39 1.14 19.17
N TYR A 840 -9.25 2.46 19.17
CA TYR A 840 -9.36 3.19 20.43
C TYR A 840 -10.73 3.05 21.06
N LEU A 841 -11.79 3.21 20.27
CA LEU A 841 -13.14 3.10 20.83
C LEU A 841 -13.37 1.70 21.38
N ASP A 842 -12.96 0.69 20.63
CA ASP A 842 -13.08 -0.70 21.08
C ASP A 842 -12.34 -0.94 22.39
N PHE A 843 -11.10 -0.47 22.48
CA PHE A 843 -10.34 -0.53 23.73
C PHE A 843 -11.05 0.19 24.87
N ILE A 844 -11.43 1.46 24.67
CA ILE A 844 -11.97 2.28 25.75
C ILE A 844 -13.31 1.76 26.26
N GLN A 845 -14.19 1.28 25.38
CA GLN A 845 -15.44 0.69 25.87
C GLN A 845 -15.17 -0.53 26.74
N THR A 846 -14.20 -1.35 26.36
CA THR A 846 -13.87 -2.54 27.12
C THR A 846 -13.18 -2.18 28.43
N PHE A 847 -12.14 -1.35 28.35
CA PHE A 847 -11.32 -1.02 29.51
C PHE A 847 -12.15 -0.44 30.65
N LEU A 848 -13.02 0.51 30.36
CA LEU A 848 -13.83 1.08 31.42
C LEU A 848 -14.82 0.09 32.02
N GLN A 849 -15.25 -0.94 31.27
CA GLN A 849 -16.03 -1.99 31.90
C GLN A 849 -15.18 -2.90 32.79
N VAL A 850 -13.92 -3.17 32.41
CA VAL A 850 -13.03 -3.93 33.29
C VAL A 850 -12.84 -3.20 34.60
N ILE A 851 -12.52 -1.91 34.54
CA ILE A 851 -12.46 -1.11 35.76
C ILE A 851 -13.79 -1.16 36.50
N GLY A 852 -14.90 -1.25 35.78
CA GLY A 852 -16.19 -1.44 36.43
C GLY A 852 -16.35 -2.74 37.20
N VAL A 853 -15.98 -3.86 36.57
CA VAL A 853 -16.06 -5.15 37.26
C VAL A 853 -15.24 -5.15 38.54
N VAL A 854 -13.96 -4.76 38.44
CA VAL A 854 -13.10 -4.74 39.61
C VAL A 854 -13.63 -3.78 40.67
N GLY A 855 -14.09 -2.60 40.26
CA GLY A 855 -14.59 -1.63 41.21
C GLY A 855 -15.85 -2.04 41.95
N VAL A 856 -16.80 -2.66 41.26
CA VAL A 856 -17.99 -3.17 41.94
C VAL A 856 -17.64 -4.33 42.87
N ALA A 857 -16.80 -5.26 42.42
CA ALA A 857 -16.37 -6.33 43.32
C ALA A 857 -15.67 -5.80 44.58
N VAL A 858 -14.77 -4.84 44.42
CA VAL A 858 -14.02 -4.30 45.56
C VAL A 858 -14.89 -3.42 46.45
N ALA A 859 -15.89 -2.77 45.87
CA ALA A 859 -16.78 -1.91 46.65
C ALA A 859 -17.79 -2.71 47.46
N VAL A 860 -18.28 -3.82 46.93
CA VAL A 860 -19.27 -4.61 47.65
C VAL A 860 -18.62 -5.43 48.76
N ILE A 861 -17.43 -5.97 48.52
CA ILE A 861 -16.76 -6.88 49.45
C ILE A 861 -15.29 -6.50 49.51
N PRO A 862 -14.92 -5.47 50.28
CA PRO A 862 -13.54 -4.93 50.22
C PRO A 862 -12.44 -5.96 50.40
N TRP A 863 -12.63 -6.94 51.29
CA TRP A 863 -11.59 -7.91 51.59
C TRP A 863 -10.92 -8.45 50.33
N ILE A 864 -11.63 -8.46 49.21
CA ILE A 864 -11.09 -8.91 47.93
C ILE A 864 -9.86 -8.12 47.52
N ALA A 865 -9.67 -6.92 48.07
CA ALA A 865 -8.47 -6.16 47.72
C ALA A 865 -7.20 -6.93 48.03
N ILE A 866 -7.21 -7.80 49.04
CA ILE A 866 -6.02 -8.51 49.48
C ILE A 866 -5.57 -9.53 48.44
N PRO A 867 -6.34 -10.56 48.11
CA PRO A 867 -5.93 -11.42 46.99
C PRO A 867 -5.59 -10.66 45.72
N LEU A 868 -6.32 -9.59 45.41
CA LEU A 868 -6.09 -8.88 44.15
C LEU A 868 -4.63 -8.46 44.00
N VAL A 869 -3.98 -8.07 45.10
CA VAL A 869 -2.64 -7.53 45.06
C VAL A 869 -1.65 -8.53 44.47
N PRO A 870 -1.43 -9.70 45.08
CA PRO A 870 -0.60 -10.71 44.39
C PRO A 870 -1.04 -10.95 42.96
N LEU A 871 -2.35 -11.02 42.72
CA LEU A 871 -2.84 -11.29 41.39
C LEU A 871 -2.50 -10.16 40.43
N GLY A 872 -2.56 -8.92 40.90
CA GLY A 872 -2.09 -7.81 40.07
C GLY A 872 -0.61 -7.89 39.74
N ILE A 873 0.21 -8.24 40.72
CA ILE A 873 1.64 -8.44 40.46
C ILE A 873 1.86 -9.53 39.42
N VAL A 874 1.18 -10.66 39.57
CA VAL A 874 1.28 -11.71 38.57
C VAL A 874 0.88 -11.19 37.20
N PHE A 875 -0.18 -10.39 37.13
CA PHE A 875 -0.58 -9.81 35.85
C PHE A 875 0.52 -8.97 35.21
N PHE A 876 1.13 -8.03 35.94
CA PHE A 876 2.18 -7.24 35.31
C PHE A 876 3.45 -8.03 35.01
N VAL A 877 3.78 -9.06 35.78
CA VAL A 877 4.91 -9.92 35.40
C VAL A 877 4.58 -10.68 34.13
N LEU A 878 3.39 -11.27 34.08
CA LEU A 878 2.95 -12.00 32.90
C LEU A 878 2.94 -11.09 31.68
N ARG A 879 2.27 -9.93 31.81
CA ARG A 879 2.13 -9.00 30.70
C ARG A 879 3.49 -8.61 30.12
N ARG A 880 4.44 -8.23 30.97
CA ARG A 880 5.76 -7.80 30.51
C ARG A 880 6.49 -8.93 29.79
N TYR A 881 6.50 -10.12 30.38
CA TYR A 881 7.19 -11.27 29.81
C TYR A 881 6.65 -11.65 28.43
N PHE A 882 5.33 -11.61 28.23
CA PHE A 882 4.79 -11.76 26.88
C PHE A 882 5.23 -10.63 25.95
N LEU A 883 5.01 -9.38 26.37
CA LEU A 883 5.22 -8.27 25.46
C LEU A 883 6.65 -8.18 24.96
N GLU A 884 7.63 -8.60 25.77
CA GLU A 884 9.01 -8.70 25.30
C GLU A 884 9.13 -9.46 23.98
N THR A 885 8.39 -10.56 23.84
CA THR A 885 8.38 -11.32 22.59
C THR A 885 7.37 -10.79 21.58
N SER A 886 6.26 -10.24 22.04
CA SER A 886 5.19 -9.81 21.15
C SER A 886 5.71 -8.85 20.08
N ARG A 887 6.45 -7.82 20.48
CA ARG A 887 7.01 -6.90 19.50
C ARG A 887 8.06 -7.56 18.60
N ASP A 888 8.63 -8.70 18.97
CA ASP A 888 9.40 -9.45 17.98
C ASP A 888 8.52 -10.17 16.96
N VAL A 889 7.45 -10.85 17.39
CA VAL A 889 6.63 -11.58 16.42
C VAL A 889 5.96 -10.62 15.45
N LYS A 890 5.38 -9.52 15.96
CA LYS A 890 4.78 -8.53 15.08
C LYS A 890 5.77 -8.05 14.02
N ARG A 891 6.99 -7.73 14.45
CA ARG A 891 8.01 -7.32 13.49
C ARG A 891 8.29 -8.43 12.48
N LEU A 892 8.56 -9.63 12.99
CA LEU A 892 8.89 -10.77 12.14
C LEU A 892 7.79 -11.07 11.13
N GLU A 893 6.53 -11.02 11.57
CA GLU A 893 5.40 -11.17 10.67
C GLU A 893 5.41 -10.10 9.59
N SER A 894 5.46 -8.83 9.99
CA SER A 894 5.38 -7.72 9.03
C SER A 894 6.54 -7.73 8.05
N THR A 895 7.75 -8.10 8.48
CA THR A 895 8.88 -8.16 7.55
C THR A 895 8.76 -9.36 6.61
N THR A 896 8.16 -10.45 7.07
CA THR A 896 7.97 -11.62 6.22
C THR A 896 6.90 -11.41 5.17
N ARG A 897 5.91 -10.56 5.45
CA ARG A 897 4.80 -10.38 4.51
C ARG A 897 5.25 -9.69 3.22
N SER A 898 6.01 -8.60 3.33
CA SER A 898 6.35 -7.81 2.15
C SER A 898 7.02 -8.58 1.02
N PRO A 899 8.02 -9.44 1.26
CA PRO A 899 8.62 -10.18 0.14
C PRO A 899 7.64 -10.87 -0.77
N VAL A 900 6.47 -11.26 -0.28
CA VAL A 900 5.45 -11.88 -1.12
C VAL A 900 5.03 -10.92 -2.23
N PHE A 901 4.58 -9.72 -1.85
CA PHE A 901 4.14 -8.77 -2.86
C PHE A 901 5.30 -8.37 -3.76
N SER A 902 6.51 -8.30 -3.22
CA SER A 902 7.69 -8.07 -4.02
C SER A 902 7.83 -9.11 -5.13
N HIS A 903 7.75 -10.38 -4.76
CA HIS A 903 7.85 -11.46 -5.74
C HIS A 903 6.78 -11.35 -6.81
N LEU A 904 5.53 -11.10 -6.41
CA LEU A 904 4.48 -10.99 -7.42
C LEU A 904 4.81 -9.85 -8.40
N SER A 905 5.24 -8.71 -7.88
CA SER A 905 5.54 -7.58 -8.76
C SER A 905 6.66 -7.95 -9.73
N SER A 906 7.75 -8.50 -9.20
CA SER A 906 8.85 -8.96 -10.05
C SER A 906 8.38 -9.93 -11.11
N SER A 907 7.58 -10.92 -10.69
CA SER A 907 7.07 -11.93 -11.63
C SER A 907 6.24 -11.30 -12.73
N LEU A 908 5.25 -10.49 -12.36
CA LEU A 908 4.40 -9.86 -13.37
C LEU A 908 5.21 -9.03 -14.35
N GLN A 909 6.20 -8.28 -13.86
CA GLN A 909 7.10 -7.58 -14.77
C GLN A 909 7.80 -8.54 -15.71
N GLY A 910 8.32 -9.63 -15.18
CA GLY A 910 8.98 -10.65 -15.98
C GLY A 910 8.07 -11.62 -16.68
N LEU A 911 6.75 -11.42 -16.62
CA LEU A 911 5.80 -12.36 -17.20
C LEU A 911 6.29 -12.91 -18.54
N TRP A 912 6.58 -12.01 -19.48
CA TRP A 912 7.12 -12.43 -20.77
C TRP A 912 8.27 -13.42 -20.64
N THR A 913 9.37 -12.97 -20.05
CA THR A 913 10.61 -13.76 -20.04
C THR A 913 10.44 -15.08 -19.29
N ILE A 914 9.93 -15.03 -18.06
CA ILE A 914 9.71 -16.26 -17.30
C ILE A 914 8.93 -17.27 -18.13
N ARG A 915 7.88 -16.80 -18.81
CA ARG A 915 7.13 -17.67 -19.71
C ARG A 915 8.02 -18.20 -20.83
N ALA A 916 8.82 -17.32 -21.45
CA ALA A 916 9.62 -17.76 -22.59
C ALA A 916 10.57 -18.90 -22.21
N TYR A 917 11.20 -18.82 -21.05
CA TYR A 917 12.14 -19.83 -20.59
C TYR A 917 11.47 -21.10 -20.07
N LYS A 918 10.15 -21.15 -20.03
CA LYS A 918 9.42 -22.28 -19.45
C LYS A 918 9.74 -22.45 -17.97
N ALA A 919 10.01 -21.35 -17.29
CA ALA A 919 10.46 -21.32 -15.91
C ALA A 919 9.30 -21.30 -14.91
N GLU A 920 8.07 -21.44 -15.38
CA GLU A 920 6.91 -21.16 -14.54
C GLU A 920 6.91 -22.00 -13.26
N GLN A 921 7.25 -23.28 -13.36
CA GLN A 921 7.11 -24.14 -12.20
C GLN A 921 8.03 -23.70 -11.06
N ARG A 922 9.26 -23.28 -11.38
CA ARG A 922 10.16 -22.78 -10.34
C ARG A 922 9.60 -21.54 -9.65
N PHE A 923 9.16 -20.56 -10.43
CA PHE A 923 8.60 -19.34 -9.82
C PHE A 923 7.36 -19.65 -8.98
N GLN A 924 6.51 -20.55 -9.44
CA GLN A 924 5.40 -20.97 -8.58
C GLN A 924 5.91 -21.52 -7.25
N GLU A 925 6.88 -22.44 -7.31
CA GLU A 925 7.45 -22.96 -6.06
C GLU A 925 8.09 -21.88 -5.20
N LEU A 926 8.70 -20.85 -5.80
CA LEU A 926 9.24 -19.75 -5.00
C LEU A 926 8.15 -18.96 -4.30
N PHE A 927 7.05 -18.68 -4.99
CA PHE A 927 5.94 -18.01 -4.33
C PHE A 927 5.41 -18.83 -3.16
N ASP A 928 5.25 -20.14 -3.36
CA ASP A 928 4.89 -20.99 -2.23
C ASP A 928 5.90 -20.90 -1.10
N SER A 929 7.20 -20.82 -1.42
CA SER A 929 8.20 -20.68 -0.37
C SER A 929 7.99 -19.42 0.46
N HIS A 930 7.87 -18.27 -0.19
CA HIS A 930 7.57 -17.03 0.53
C HIS A 930 6.27 -17.13 1.29
N GLN A 931 5.23 -17.66 0.64
CA GLN A 931 3.92 -17.73 1.25
C GLN A 931 3.92 -18.60 2.51
N ASP A 932 4.58 -19.76 2.48
CA ASP A 932 4.61 -20.59 3.68
C ASP A 932 5.55 -20.03 4.75
N LEU A 933 6.57 -19.28 4.37
CA LEU A 933 7.33 -18.51 5.36
C LEU A 933 6.42 -17.58 6.16
N HIS A 934 5.66 -16.74 5.48
CA HIS A 934 4.71 -15.89 6.20
C HIS A 934 3.70 -16.74 6.94
N SER A 935 3.36 -17.92 6.43
CA SER A 935 2.47 -18.79 7.18
C SER A 935 3.10 -19.22 8.50
N GLU A 936 4.41 -19.46 8.52
CA GLU A 936 5.10 -19.73 9.78
C GLU A 936 5.01 -18.54 10.72
N ALA A 937 5.37 -17.35 10.24
CA ALA A 937 5.25 -16.15 11.05
C ALA A 937 3.84 -15.97 11.56
N TRP A 938 2.86 -16.06 10.68
CA TRP A 938 1.47 -15.94 11.13
C TRP A 938 1.13 -17.03 12.13
N PHE A 939 1.63 -18.24 11.92
CA PHE A 939 1.29 -19.31 12.83
C PHE A 939 1.88 -19.06 14.22
N LEU A 940 3.10 -18.55 14.29
CA LEU A 940 3.66 -18.13 15.57
C LEU A 940 2.83 -17.02 16.20
N PHE A 941 2.40 -16.05 15.39
CA PHE A 941 1.56 -14.98 15.91
C PHE A 941 0.27 -15.53 16.51
N LEU A 942 -0.42 -16.42 15.79
CA LEU A 942 -1.65 -17.02 16.31
C LEU A 942 -1.42 -17.74 17.63
N THR A 943 -0.46 -18.65 17.65
CA THR A 943 -0.21 -19.48 18.83
C THR A 943 0.24 -18.67 20.03
N THR A 944 1.09 -17.67 19.81
CA THR A 944 1.52 -16.81 20.92
C THR A 944 0.37 -16.03 21.52
N SER A 945 -0.47 -15.44 20.69
CA SER A 945 -1.62 -14.71 21.21
C SER A 945 -2.54 -15.59 22.04
N ARG A 946 -2.74 -16.84 21.64
CA ARG A 946 -3.57 -17.76 22.42
C ARG A 946 -2.87 -18.28 23.67
N TRP A 947 -1.56 -18.52 23.63
CA TRP A 947 -0.87 -18.86 24.87
C TRP A 947 -1.12 -17.78 25.91
N PHE A 948 -0.97 -16.53 25.51
CA PHE A 948 -1.21 -15.39 26.39
C PHE A 948 -2.69 -15.30 26.81
N ALA A 949 -3.61 -15.36 25.85
CA ALA A 949 -5.03 -15.22 26.17
C ALA A 949 -5.54 -16.33 27.08
N VAL A 950 -5.04 -17.55 26.92
CA VAL A 950 -5.44 -18.66 27.78
C VAL A 950 -5.21 -18.33 29.24
N ARG A 951 -4.07 -17.74 29.56
CA ARG A 951 -3.64 -17.55 30.93
C ARG A 951 -4.28 -16.31 31.58
N LEU A 952 -4.56 -15.27 30.79
CA LEU A 952 -5.45 -14.23 31.28
C LEU A 952 -6.83 -14.77 31.64
N ASP A 953 -7.37 -15.71 30.86
CA ASP A 953 -8.58 -16.40 31.32
C ASP A 953 -8.33 -17.17 32.62
N ALA A 954 -7.16 -17.78 32.76
CA ALA A 954 -6.85 -18.46 34.02
C ALA A 954 -6.82 -17.49 35.20
N ILE A 955 -6.22 -16.31 35.02
CA ILE A 955 -6.30 -15.27 36.05
C ILE A 955 -7.73 -14.84 36.31
N CYS A 956 -8.53 -14.68 35.26
CA CYS A 956 -9.95 -14.40 35.44
C CYS A 956 -10.66 -15.52 36.20
N ALA A 957 -10.33 -16.77 35.91
CA ALA A 957 -10.91 -17.88 36.67
C ALA A 957 -10.56 -17.78 38.15
N VAL A 958 -9.32 -17.41 38.47
CA VAL A 958 -8.97 -17.17 39.88
C VAL A 958 -9.79 -16.04 40.48
N PHE A 959 -10.06 -14.99 39.69
CA PHE A 959 -10.93 -13.91 40.17
C PHE A 959 -12.35 -14.40 40.42
N VAL A 960 -12.94 -15.11 39.46
CA VAL A 960 -14.30 -15.64 39.64
C VAL A 960 -14.36 -16.61 40.81
N ILE A 961 -13.36 -17.48 40.94
CA ILE A 961 -13.29 -18.38 42.09
C ILE A 961 -13.26 -17.59 43.41
N VAL A 962 -12.35 -16.63 43.53
CA VAL A 962 -12.22 -15.87 44.78
C VAL A 962 -13.50 -15.11 45.11
N VAL A 963 -14.14 -14.50 44.11
CA VAL A 963 -15.41 -13.82 44.36
C VAL A 963 -16.47 -14.79 44.87
N ALA A 964 -16.65 -15.93 44.18
CA ALA A 964 -17.69 -16.87 44.58
C ALA A 964 -17.44 -17.45 45.96
N PHE A 965 -16.23 -17.96 46.21
CA PHE A 965 -15.93 -18.59 47.50
C PHE A 965 -15.84 -17.55 48.62
N GLY A 966 -15.21 -16.41 48.37
CA GLY A 966 -15.16 -15.39 49.40
C GLY A 966 -16.53 -14.94 49.84
N SER A 967 -17.45 -14.80 48.91
CA SER A 967 -18.81 -14.41 49.27
C SER A 967 -19.44 -15.41 50.23
N LEU A 968 -19.16 -16.70 50.03
CA LEU A 968 -19.70 -17.74 50.89
C LEU A 968 -18.96 -17.81 52.22
N ILE A 969 -17.67 -17.49 52.24
CA ILE A 969 -16.94 -17.34 53.49
C ILE A 969 -17.56 -16.25 54.36
N LEU A 970 -17.76 -15.06 53.77
CA LEU A 970 -18.21 -13.86 54.46
C LEU A 970 -19.74 -13.73 54.54
N ALA A 971 -20.45 -14.84 54.41
CA ALA A 971 -21.89 -14.78 54.15
C ALA A 971 -22.67 -14.03 55.24
N LYS A 972 -22.15 -13.95 56.46
CA LYS A 972 -22.85 -13.21 57.51
C LYS A 972 -23.03 -11.73 57.17
N THR A 973 -22.16 -11.16 56.34
CA THR A 973 -22.12 -9.72 56.12
C THR A 973 -22.87 -9.27 54.88
N LEU A 974 -22.80 -10.04 53.79
CA LEU A 974 -23.41 -9.63 52.53
C LEU A 974 -24.92 -9.89 52.56
N ASP A 975 -25.60 -9.38 51.52
CA ASP A 975 -27.02 -9.61 51.34
C ASP A 975 -27.31 -9.87 49.86
N ALA A 976 -28.51 -10.38 49.59
CA ALA A 976 -28.77 -11.02 48.30
C ALA A 976 -28.44 -10.12 47.13
N GLY A 977 -28.97 -8.89 47.12
CA GLY A 977 -28.72 -8.01 46.01
C GLY A 977 -27.25 -7.69 45.83
N GLN A 978 -26.54 -7.50 46.94
CA GLN A 978 -25.12 -7.24 46.86
C GLN A 978 -24.38 -8.40 46.21
N VAL A 979 -24.68 -9.63 46.62
CA VAL A 979 -23.97 -10.77 46.05
C VAL A 979 -24.37 -10.97 44.60
N GLY A 980 -25.66 -10.80 44.28
CA GLY A 980 -26.08 -10.92 42.90
C GLY A 980 -25.34 -9.96 42.00
N LEU A 981 -25.16 -8.73 42.44
CA LEU A 981 -24.41 -7.75 41.66
C LEU A 981 -22.95 -8.18 41.52
N ALA A 982 -22.29 -8.50 42.62
CA ALA A 982 -20.88 -8.82 42.57
C ALA A 982 -20.58 -9.97 41.60
N LEU A 983 -21.35 -11.06 41.71
CA LEU A 983 -21.20 -12.19 40.80
C LEU A 983 -21.61 -11.89 39.36
N SER A 984 -22.74 -11.21 39.15
CA SER A 984 -23.16 -10.93 37.78
C SER A 984 -22.11 -10.18 37.00
N TYR A 985 -21.37 -9.28 37.66
CA TYR A 985 -20.24 -8.64 37.02
C TYR A 985 -19.05 -9.58 36.81
N ALA A 986 -18.61 -10.25 37.88
CA ALA A 986 -17.39 -11.06 37.78
C ALA A 986 -17.47 -12.11 36.68
N LEU A 987 -18.65 -12.68 36.43
CA LEU A 987 -18.81 -13.67 35.37
C LEU A 987 -18.48 -13.14 33.98
N THR A 988 -18.67 -11.84 33.74
CA THR A 988 -18.39 -11.27 32.42
C THR A 988 -16.91 -11.28 32.10
N LEU A 989 -16.07 -11.19 33.12
CA LEU A 989 -14.67 -10.83 32.95
C LEU A 989 -13.91 -11.73 31.97
N MET A 990 -14.30 -13.00 31.83
CA MET A 990 -13.49 -13.96 31.08
C MET A 990 -13.18 -13.52 29.66
N GLY A 991 -14.20 -13.21 28.86
CA GLY A 991 -13.96 -12.76 27.51
C GLY A 991 -13.43 -11.34 27.45
N MET A 992 -13.88 -10.50 28.37
CA MET A 992 -13.63 -9.07 28.31
C MET A 992 -12.17 -8.73 28.61
N PHE A 993 -11.64 -9.26 29.71
CA PHE A 993 -10.28 -8.92 30.13
C PHE A 993 -9.22 -9.46 29.18
N GLN A 994 -9.33 -10.69 28.74
CA GLN A 994 -8.35 -11.20 27.78
C GLN A 994 -8.34 -10.41 26.47
N TRP A 995 -9.48 -9.86 26.04
CA TRP A 995 -9.52 -9.04 24.84
C TRP A 995 -8.90 -7.67 25.06
N CYS A 996 -9.27 -7.01 26.16
CA CYS A 996 -8.79 -5.67 26.45
C CYS A 996 -7.27 -5.55 26.39
N VAL A 997 -6.56 -6.45 27.06
CA VAL A 997 -5.10 -6.41 27.05
C VAL A 997 -4.54 -6.64 25.66
N ARG A 998 -5.19 -7.47 24.84
CA ARG A 998 -4.69 -7.72 23.49
C ARG A 998 -5.00 -6.58 22.52
N GLN A 999 -6.09 -5.83 22.72
CA GLN A 999 -6.27 -4.58 21.99
C GLN A 999 -5.22 -3.54 22.36
N SER A 1000 -4.85 -3.45 23.63
CA SER A 1000 -3.80 -2.53 24.03
C SER A 1000 -2.50 -2.74 23.27
N ALA A 1001 -2.14 -3.99 22.99
CA ALA A 1001 -0.96 -4.24 22.18
C ALA A 1001 -1.14 -3.84 20.71
N GLU A 1002 -2.37 -3.71 20.22
CA GLU A 1002 -2.59 -3.19 18.87
C GLU A 1002 -2.48 -1.68 18.80
N VAL A 1003 -3.14 -0.99 19.72
CA VAL A 1003 -2.97 0.46 19.85
C VAL A 1003 -1.50 0.84 19.91
N GLU A 1004 -0.74 0.22 20.81
CA GLU A 1004 0.69 0.49 20.90
C GLU A 1004 1.46 0.16 19.63
N ASN A 1005 0.98 -0.78 18.80
CA ASN A 1005 1.63 -0.98 17.50
C ASN A 1005 1.29 0.11 16.50
N MET A 1006 0.01 0.46 16.39
CA MET A 1006 -0.41 1.45 15.39
C MET A 1006 0.07 2.86 15.71
N MET A 1007 0.34 3.19 16.98
CA MET A 1007 0.95 4.48 17.26
C MET A 1007 2.29 4.66 16.59
N ILE A 1008 2.94 3.59 16.13
CA ILE A 1008 4.10 3.79 15.26
C ILE A 1008 3.72 4.50 13.97
N SER A 1009 2.50 4.27 13.45
CA SER A 1009 2.04 5.06 12.31
C SER A 1009 1.92 6.55 12.66
N VAL A 1010 1.25 6.85 13.76
CA VAL A 1010 1.05 8.25 14.16
C VAL A 1010 2.37 8.91 14.49
N GLU A 1011 3.35 8.17 14.98
CA GLU A 1011 4.68 8.73 15.13
C GLU A 1011 5.42 8.89 13.80
N ARG A 1012 5.24 7.97 12.85
CA ARG A 1012 5.84 8.18 11.52
C ARG A 1012 5.27 9.35 10.72
N VAL A 1013 3.99 9.71 10.87
CA VAL A 1013 3.53 10.93 10.21
C VAL A 1013 3.93 12.17 10.98
N ILE A 1014 3.84 12.15 12.30
CA ILE A 1014 4.18 13.35 13.06
C ILE A 1014 5.60 13.80 12.77
N GLU A 1015 6.53 12.89 12.50
CA GLU A 1015 7.87 13.38 12.21
C GLU A 1015 7.94 14.13 10.88
N TYR A 1016 7.11 13.77 9.89
CA TYR A 1016 7.09 14.54 8.63
C TYR A 1016 6.42 15.90 8.75
N THR A 1017 5.59 16.12 9.75
CA THR A 1017 4.90 17.41 9.85
C THR A 1017 5.86 18.58 10.09
N ASP A 1018 7.14 18.35 10.39
CA ASP A 1018 8.02 19.43 10.80
C ASP A 1018 9.32 19.48 10.01
N LEU A 1019 9.38 18.84 8.84
CA LEU A 1019 10.57 18.92 8.01
C LEU A 1019 10.93 20.38 7.70
N GLU A 1020 12.23 20.66 7.70
CA GLU A 1020 12.72 21.98 7.29
C GLU A 1020 12.06 22.43 6.00
N LYS A 1021 11.86 23.74 5.89
CA LYS A 1021 11.12 24.34 4.78
C LYS A 1021 12.04 25.11 3.85
N GLU A 1022 11.79 24.99 2.55
CA GLU A 1022 12.29 25.98 1.59
C GLU A 1022 11.86 27.38 2.01
N ALA A 1023 12.71 28.35 1.69
CA ALA A 1023 12.41 29.76 1.92
C ALA A 1023 11.07 30.16 1.31
N PRO A 1024 10.44 31.21 1.82
CA PRO A 1024 9.07 31.56 1.42
C PRO A 1024 8.88 31.68 -0.08
N TRP A 1025 7.72 31.22 -0.55
CA TRP A 1025 7.36 31.37 -1.96
C TRP A 1025 7.45 32.82 -2.42
N GLU A 1026 7.03 33.75 -1.56
CA GLU A 1026 7.12 35.19 -1.83
C GLU A 1026 7.66 35.94 -0.61
N TYR A 1027 8.59 36.87 -0.85
CA TYR A 1027 8.93 37.86 0.16
C TYR A 1027 7.97 39.05 0.10
N GLN A 1028 8.08 39.94 1.09
CA GLN A 1028 7.40 41.23 1.00
C GLN A 1028 8.00 42.10 -0.10
N LYS A 1029 9.32 42.02 -0.27
CA LYS A 1029 9.98 42.49 -1.49
C LYS A 1029 9.47 41.69 -2.67
N ARG A 1030 8.94 42.38 -3.69
CA ARG A 1030 8.49 41.69 -4.90
C ARG A 1030 8.89 42.45 -6.16
N PRO A 1031 9.20 41.75 -7.25
CA PRO A 1031 9.60 42.41 -8.50
C PRO A 1031 8.42 43.03 -9.26
N LEU A 1032 8.79 43.89 -10.22
CA LEU A 1032 7.82 44.58 -11.06
C LEU A 1032 7.13 43.61 -12.02
N PRO A 1033 5.80 43.71 -12.19
CA PRO A 1033 5.11 42.78 -13.08
C PRO A 1033 5.73 42.63 -14.46
N SER A 1034 6.47 43.63 -14.93
CA SER A 1034 7.17 43.52 -16.20
C SER A 1034 8.51 42.78 -16.07
N TRP A 1035 9.09 42.78 -14.88
CA TRP A 1035 10.31 42.04 -14.63
C TRP A 1035 10.09 40.55 -14.91
N PRO A 1036 11.05 39.87 -15.56
CA PRO A 1036 12.25 40.40 -16.21
C PRO A 1036 12.02 41.11 -17.54
N HIS A 1037 12.57 42.32 -17.63
CA HIS A 1037 12.40 43.15 -18.83
C HIS A 1037 13.41 42.77 -19.90
N GLU A 1038 14.69 42.75 -19.53
CA GLU A 1038 15.79 42.66 -20.48
C GLU A 1038 16.34 41.26 -20.67
N GLY A 1039 16.11 40.35 -19.72
CA GLY A 1039 16.66 39.01 -19.82
C GLY A 1039 18.17 38.90 -19.77
N VAL A 1040 18.83 39.74 -18.95
CA VAL A 1040 20.24 39.56 -18.62
C VAL A 1040 20.39 38.74 -17.34
N ILE A 1041 21.50 37.99 -17.25
CA ILE A 1041 21.86 37.23 -16.05
C ILE A 1041 23.35 37.42 -15.78
N ILE A 1042 23.73 37.52 -14.51
CA ILE A 1042 25.14 37.64 -14.11
C ILE A 1042 25.44 36.73 -12.93
N PHE A 1043 26.57 36.03 -13.01
CA PHE A 1043 27.14 35.24 -11.91
C PHE A 1043 28.34 35.97 -11.30
N ASP A 1044 28.35 36.14 -9.98
CA ASP A 1044 29.50 36.68 -9.27
C ASP A 1044 30.05 35.69 -8.25
N ASN A 1045 31.26 35.21 -8.49
CA ASN A 1045 32.03 34.36 -7.59
C ASN A 1045 31.22 33.26 -6.91
N VAL A 1046 30.30 32.61 -7.64
CA VAL A 1046 29.33 31.72 -7.02
C VAL A 1046 29.97 30.37 -6.69
N ASN A 1047 29.51 29.76 -5.60
CA ASN A 1047 29.76 28.35 -5.30
C ASN A 1047 28.45 27.66 -4.95
N PHE A 1048 28.39 26.36 -5.23
CA PHE A 1048 27.18 25.58 -4.98
C PHE A 1048 27.53 24.16 -4.54
N SER A 1049 26.70 23.63 -3.64
CA SER A 1049 26.61 22.19 -3.36
C SER A 1049 25.17 21.84 -3.04
N TYR A 1050 24.82 20.57 -3.26
CA TYR A 1050 23.45 20.12 -3.02
C TYR A 1050 23.05 20.17 -1.55
N SER A 1051 24.01 20.10 -0.63
CA SER A 1051 23.72 20.12 0.79
C SER A 1051 24.85 20.82 1.52
N LEU A 1052 24.52 21.42 2.67
CA LEU A 1052 25.50 22.22 3.40
C LEU A 1052 26.69 21.37 3.85
N ASP A 1053 26.44 20.11 4.17
CA ASP A 1053 27.48 19.16 4.57
C ASP A 1053 28.35 18.67 3.42
N GLY A 1054 27.95 18.88 2.17
CA GLY A 1054 28.64 18.30 1.04
C GLY A 1054 29.82 19.09 0.52
N PRO A 1055 30.60 18.49 -0.38
CA PRO A 1055 31.62 19.24 -1.12
C PRO A 1055 30.99 20.24 -2.08
N LEU A 1056 31.73 21.32 -2.33
CA LEU A 1056 31.34 22.24 -3.40
C LEU A 1056 31.44 21.57 -4.77
N VAL A 1057 30.31 21.51 -5.46
CA VAL A 1057 30.23 20.94 -6.80
C VAL A 1057 30.58 21.98 -7.87
N LEU A 1058 30.31 23.25 -7.59
CA LEU A 1058 30.63 24.37 -8.47
C LEU A 1058 31.23 25.50 -7.64
N LYS A 1059 32.27 26.15 -8.15
CA LYS A 1059 33.06 27.08 -7.33
C LYS A 1059 33.66 28.21 -8.16
N HIS A 1060 33.89 29.35 -7.49
CA HIS A 1060 34.54 30.56 -8.04
C HIS A 1060 33.83 31.23 -9.22
N LEU A 1061 32.72 30.67 -9.70
CA LEU A 1061 32.28 30.97 -11.06
C LEU A 1061 31.74 32.39 -11.16
N THR A 1062 32.18 33.14 -12.17
CA THR A 1062 31.57 34.42 -12.52
C THR A 1062 31.44 34.57 -14.04
N ALA A 1063 30.28 35.09 -14.49
CA ALA A 1063 29.95 35.18 -15.90
C ALA A 1063 28.80 36.18 -16.10
N LEU A 1064 28.64 36.64 -17.34
CA LEU A 1064 27.55 37.53 -17.74
C LEU A 1064 26.81 36.96 -18.94
N ILE A 1065 25.47 37.04 -18.88
CA ILE A 1065 24.56 36.71 -19.98
C ILE A 1065 23.84 37.98 -20.42
N LYS A 1066 23.99 38.37 -21.69
CA LYS A 1066 23.31 39.55 -22.22
C LYS A 1066 21.95 39.17 -22.83
N SER A 1067 21.11 40.18 -23.05
CA SER A 1067 19.82 40.03 -23.70
C SER A 1067 19.89 39.29 -25.04
N LYS A 1068 18.99 38.33 -25.21
CA LYS A 1068 18.78 37.57 -26.45
C LYS A 1068 20.03 36.85 -26.95
N GLU A 1069 21.04 36.69 -26.11
CA GLU A 1069 22.17 35.83 -26.47
C GLU A 1069 21.76 34.36 -26.52
N LYS A 1070 22.52 33.57 -27.28
CA LYS A 1070 22.36 32.13 -27.33
C LYS A 1070 23.68 31.47 -26.89
N VAL A 1071 23.64 30.69 -25.81
CA VAL A 1071 24.82 30.09 -25.21
C VAL A 1071 24.49 28.71 -24.64
N GLY A 1072 25.52 27.97 -24.22
CA GLY A 1072 25.34 26.65 -23.65
C GLY A 1072 26.51 26.20 -22.79
N ILE A 1073 26.33 25.03 -22.18
CA ILE A 1073 27.22 24.48 -21.16
C ILE A 1073 27.77 23.14 -21.63
N VAL A 1074 29.10 22.96 -21.55
CA VAL A 1074 29.74 21.67 -21.84
C VAL A 1074 30.84 21.37 -20.82
N GLY A 1075 31.24 20.10 -20.77
CA GLY A 1075 32.27 19.64 -19.85
C GLY A 1075 32.14 18.15 -19.57
N ARG A 1076 33.03 17.67 -18.68
CA ARG A 1076 32.92 16.32 -18.17
C ARG A 1076 31.69 16.16 -17.26
N THR A 1077 31.26 14.91 -17.10
CA THR A 1077 30.18 14.59 -16.16
C THR A 1077 30.58 14.94 -14.72
N GLY A 1078 29.58 15.36 -13.94
CA GLY A 1078 29.75 15.85 -12.59
C GLY A 1078 30.41 17.20 -12.46
N ALA A 1079 30.71 17.87 -13.58
CA ALA A 1079 31.30 19.20 -13.54
C ALA A 1079 30.37 20.25 -12.95
N GLY A 1080 29.11 19.92 -12.70
CA GLY A 1080 28.13 20.88 -12.24
C GLY A 1080 27.10 21.27 -13.28
N LYS A 1081 27.04 20.56 -14.40
CA LYS A 1081 26.07 20.84 -15.45
C LYS A 1081 24.65 20.88 -14.91
N SER A 1082 24.23 19.79 -14.26
CA SER A 1082 22.96 19.78 -13.55
C SER A 1082 22.92 20.77 -12.41
N SER A 1083 24.07 21.07 -11.80
CA SER A 1083 24.09 22.06 -10.73
C SER A 1083 23.77 23.47 -11.22
N LEU A 1084 24.19 23.83 -12.43
CA LEU A 1084 23.93 25.18 -12.91
C LEU A 1084 22.44 25.46 -13.02
N ILE A 1085 21.69 24.52 -13.62
CA ILE A 1085 20.24 24.67 -13.67
C ILE A 1085 19.64 24.63 -12.28
N ALA A 1086 20.17 23.79 -11.40
CA ALA A 1086 19.70 23.77 -10.02
C ALA A 1086 19.96 25.09 -9.30
N ALA A 1087 21.04 25.79 -9.67
CA ALA A 1087 21.37 27.06 -9.03
C ALA A 1087 20.44 28.19 -9.48
N LEU A 1088 20.18 28.30 -10.78
CA LEU A 1088 19.29 29.34 -11.27
C LEU A 1088 17.92 29.25 -10.61
N PHE A 1089 17.43 28.04 -10.38
CA PHE A 1089 16.17 27.85 -9.66
C PHE A 1089 16.29 27.94 -8.14
N ARG A 1090 17.49 28.16 -7.60
CA ARG A 1090 17.73 28.07 -6.16
C ARG A 1090 17.07 26.85 -5.52
N LEU A 1091 17.36 25.67 -6.07
CA LEU A 1091 16.83 24.45 -5.47
C LEU A 1091 17.51 24.14 -4.15
N SER A 1092 18.80 24.47 -4.04
CA SER A 1092 19.51 24.65 -2.78
C SER A 1092 20.31 25.95 -2.88
N GLU A 1093 20.29 26.74 -1.82
CA GLU A 1093 20.70 28.13 -1.93
C GLU A 1093 22.17 28.26 -2.36
N PRO A 1094 22.49 29.34 -3.08
CA PRO A 1094 23.85 29.53 -3.59
C PRO A 1094 24.78 30.20 -2.58
N GLU A 1095 26.07 29.98 -2.80
CA GLU A 1095 27.09 30.94 -2.37
C GLU A 1095 27.39 31.91 -3.52
N GLY A 1096 27.91 33.08 -3.15
CA GLY A 1096 28.07 34.18 -4.09
C GLY A 1096 26.73 34.81 -4.48
N LYS A 1097 26.75 35.49 -5.64
CA LYS A 1097 25.56 36.19 -6.13
C LYS A 1097 25.25 35.84 -7.57
N ILE A 1098 23.96 35.67 -7.88
CA ILE A 1098 23.45 35.70 -9.25
C ILE A 1098 22.46 36.85 -9.37
N TRP A 1099 22.69 37.73 -10.35
CA TRP A 1099 21.73 38.77 -10.71
C TRP A 1099 20.92 38.30 -11.92
N ILE A 1100 19.61 38.55 -11.92
CA ILE A 1100 18.79 38.45 -13.12
C ILE A 1100 18.08 39.78 -13.32
N ASP A 1101 18.37 40.43 -14.44
CA ASP A 1101 17.83 41.75 -14.76
C ASP A 1101 18.13 42.77 -13.67
N LYS A 1102 19.41 42.86 -13.30
CA LYS A 1102 19.98 43.82 -12.36
C LYS A 1102 19.49 43.67 -10.92
N ILE A 1103 18.77 42.60 -10.60
CA ILE A 1103 18.24 42.35 -9.25
C ILE A 1103 18.72 40.98 -8.77
N LEU A 1104 19.02 40.90 -7.47
CA LEU A 1104 19.63 39.73 -6.85
C LEU A 1104 18.62 38.60 -6.64
N THR A 1105 18.96 37.42 -7.18
CA THR A 1105 18.05 36.26 -7.14
C THR A 1105 17.66 35.84 -5.72
N THR A 1106 18.54 35.99 -4.73
CA THR A 1106 18.17 35.62 -3.38
C THR A 1106 17.15 36.57 -2.76
N GLU A 1107 16.91 37.72 -3.37
CA GLU A 1107 16.05 38.75 -2.81
C GLU A 1107 14.67 38.78 -3.45
N ILE A 1108 14.38 37.82 -4.32
CA ILE A 1108 13.04 37.62 -4.89
C ILE A 1108 12.55 36.23 -4.53
N GLY A 1109 11.24 36.12 -4.30
CA GLY A 1109 10.68 34.87 -3.83
C GLY A 1109 10.74 33.77 -4.87
N LEU A 1110 10.66 32.52 -4.39
CA LEU A 1110 10.79 31.39 -5.30
C LEU A 1110 9.68 31.34 -6.34
N HIS A 1111 8.46 31.74 -5.99
CA HIS A 1111 7.43 31.86 -7.02
C HIS A 1111 7.62 33.08 -7.92
N ASP A 1112 8.45 34.04 -7.52
CA ASP A 1112 8.86 35.04 -8.48
C ASP A 1112 9.89 34.49 -9.46
N LEU A 1113 10.81 33.68 -8.95
CA LEU A 1113 12.03 33.31 -9.67
C LEU A 1113 11.87 32.05 -10.52
N ARG A 1114 11.20 31.03 -9.99
CA ARG A 1114 11.07 29.77 -10.73
C ARG A 1114 10.06 29.88 -11.86
N LYS A 1115 9.03 30.71 -11.71
CA LYS A 1115 8.35 31.26 -12.87
C LYS A 1115 9.28 32.22 -13.60
N LYS A 1116 8.82 32.81 -14.71
CA LYS A 1116 9.58 33.77 -15.49
C LYS A 1116 10.91 33.22 -16.03
N MET A 1117 11.16 31.92 -15.89
CA MET A 1117 12.15 31.23 -16.71
C MET A 1117 11.53 29.92 -17.18
N SER A 1118 12.09 29.37 -18.26
CA SER A 1118 11.55 28.15 -18.85
C SER A 1118 12.64 27.10 -18.98
N ILE A 1119 12.24 25.84 -18.79
CA ILE A 1119 13.18 24.73 -18.71
C ILE A 1119 12.53 23.50 -19.33
N ILE A 1120 13.08 23.04 -20.45
CA ILE A 1120 12.66 21.78 -21.06
C ILE A 1120 13.47 20.67 -20.36
N PRO A 1121 12.83 19.74 -19.66
CA PRO A 1121 13.59 18.70 -18.97
C PRO A 1121 14.13 17.65 -19.94
N GLN A 1122 15.18 16.96 -19.48
CA GLN A 1122 15.73 15.86 -20.25
C GLN A 1122 14.68 14.77 -20.48
N GLU A 1123 14.02 14.32 -19.41
CA GLU A 1123 13.00 13.29 -19.53
C GLU A 1123 11.61 13.88 -19.27
N PRO A 1124 10.68 13.77 -20.20
CA PRO A 1124 9.39 14.49 -20.08
C PRO A 1124 8.49 13.81 -19.07
N VAL A 1125 7.44 14.53 -18.66
CA VAL A 1125 6.39 13.95 -17.81
C VAL A 1125 5.01 14.37 -18.31
N LEU A 1126 4.12 13.39 -18.44
CA LEU A 1126 2.70 13.58 -18.70
C LEU A 1126 1.92 13.16 -17.46
N PHE A 1127 1.22 14.12 -16.87
CA PHE A 1127 0.43 13.85 -15.68
C PHE A 1127 -0.95 13.31 -16.08
N THR A 1128 -1.49 12.45 -15.23
CA THR A 1128 -2.83 11.91 -15.45
C THR A 1128 -3.91 13.00 -15.43
N GLY A 1129 -4.71 13.05 -16.49
CA GLY A 1129 -5.78 14.02 -16.60
C GLY A 1129 -6.05 14.42 -18.05
N THR A 1130 -6.56 15.64 -18.18
CA THR A 1130 -6.90 16.23 -19.48
C THR A 1130 -5.70 16.83 -20.18
N MET A 1131 -5.74 16.80 -21.51
CA MET A 1131 -4.77 17.53 -22.30
C MET A 1131 -4.79 19.01 -21.95
N ARG A 1132 -5.93 19.51 -21.50
CA ARG A 1132 -6.02 20.88 -20.97
C ARG A 1132 -5.08 21.07 -19.79
N LYS A 1133 -5.32 20.32 -18.71
CA LYS A 1133 -4.47 20.43 -17.53
C LYS A 1133 -2.99 20.22 -17.84
N ASN A 1134 -2.67 19.16 -18.59
CA ASN A 1134 -1.28 18.91 -18.95
C ASN A 1134 -0.66 20.04 -19.75
N LEU A 1135 -1.46 20.95 -20.30
CA LEU A 1135 -0.92 22.13 -20.98
C LEU A 1135 -1.15 23.41 -20.18
N ASP A 1136 -2.28 23.55 -19.51
CA ASP A 1136 -2.59 24.77 -18.75
C ASP A 1136 -3.33 24.41 -17.47
N PRO A 1137 -2.61 24.18 -16.36
CA PRO A 1137 -3.30 23.90 -15.10
C PRO A 1137 -4.01 25.11 -14.51
N PHE A 1138 -3.70 26.32 -14.96
CA PHE A 1138 -4.30 27.55 -14.48
C PHE A 1138 -5.47 28.04 -15.32
N ASN A 1139 -5.65 27.49 -16.52
CA ASN A 1139 -6.70 27.94 -17.44
C ASN A 1139 -6.57 29.43 -17.72
N GLU A 1140 -5.33 29.89 -17.90
CA GLU A 1140 -5.02 31.28 -18.23
C GLU A 1140 -4.95 31.51 -19.73
N HIS A 1141 -4.46 30.51 -20.48
CA HIS A 1141 -4.39 30.62 -21.93
C HIS A 1141 -5.77 30.51 -22.56
N SER A 1142 -5.96 31.27 -23.64
CA SER A 1142 -7.26 31.34 -24.30
C SER A 1142 -7.57 30.06 -25.07
N ASP A 1143 -8.86 29.80 -25.26
CA ASP A 1143 -9.32 28.51 -25.78
C ASP A 1143 -8.70 28.16 -27.13
N GLU A 1144 -8.41 29.17 -27.96
CA GLU A 1144 -7.79 28.96 -29.25
C GLU A 1144 -6.27 28.95 -29.21
N GLU A 1145 -5.65 29.51 -28.18
CA GLU A 1145 -4.20 29.58 -28.12
C GLU A 1145 -3.56 28.20 -28.05
N LEU A 1146 -4.19 27.26 -27.36
CA LEU A 1146 -3.66 25.90 -27.33
C LEU A 1146 -3.67 25.28 -28.72
N TRP A 1147 -4.73 25.52 -29.50
CA TRP A 1147 -4.74 25.06 -30.89
C TRP A 1147 -3.63 25.73 -31.70
N ASN A 1148 -3.39 27.02 -31.49
CA ASN A 1148 -2.24 27.66 -32.12
C ASN A 1148 -0.95 26.97 -31.70
N ALA A 1149 -0.75 26.78 -30.39
CA ALA A 1149 0.49 26.19 -29.90
C ALA A 1149 0.63 24.75 -30.34
N LEU A 1150 -0.48 24.01 -30.30
CA LEU A 1150 -0.53 22.64 -30.78
C LEU A 1150 -0.20 22.53 -32.26
N GLU A 1151 -0.68 23.49 -33.05
CA GLU A 1151 -0.29 23.56 -34.46
C GLU A 1151 1.18 23.91 -34.62
N GLU A 1152 1.74 24.75 -33.75
CA GLU A 1152 3.17 25.06 -33.82
C GLU A 1152 4.03 23.82 -33.60
N VAL A 1153 3.61 22.92 -32.70
CA VAL A 1153 4.27 21.62 -32.59
C VAL A 1153 3.73 20.61 -33.60
N GLN A 1154 2.73 20.98 -34.38
CA GLN A 1154 2.11 20.13 -35.40
C GLN A 1154 1.52 18.83 -34.84
N LEU A 1155 1.19 18.79 -33.55
CA LEU A 1155 0.55 17.62 -32.96
C LEU A 1155 -0.95 17.55 -33.26
N LYS A 1156 -1.52 18.61 -33.83
CA LYS A 1156 -2.97 18.72 -34.02
C LYS A 1156 -3.58 17.49 -34.67
N GLU A 1157 -3.01 17.03 -35.78
CA GLU A 1157 -3.59 15.94 -36.57
C GLU A 1157 -3.50 14.59 -35.87
N ALA A 1158 -2.73 14.46 -34.80
CA ALA A 1158 -2.80 13.29 -33.93
C ALA A 1158 -3.86 13.45 -32.85
N ILE A 1159 -3.81 14.56 -32.10
CA ILE A 1159 -4.68 14.72 -30.93
C ILE A 1159 -6.14 14.90 -31.32
N GLU A 1160 -6.41 15.44 -32.52
CA GLU A 1160 -7.80 15.56 -32.96
C GLU A 1160 -8.49 14.21 -33.11
N ASP A 1161 -7.72 13.13 -33.19
CA ASP A 1161 -8.25 11.77 -33.28
C ASP A 1161 -8.77 11.25 -31.95
N LEU A 1162 -8.49 11.92 -30.84
CA LEU A 1162 -9.03 11.51 -29.55
C LEU A 1162 -10.54 11.71 -29.48
N PRO A 1163 -11.21 11.05 -28.53
CA PRO A 1163 -12.66 11.20 -28.39
C PRO A 1163 -13.13 12.64 -28.27
N GLY A 1164 -12.34 13.51 -27.64
CA GLY A 1164 -12.57 14.93 -27.70
C GLY A 1164 -11.40 15.62 -28.37
N LYS A 1165 -11.69 16.69 -29.11
CA LYS A 1165 -10.64 17.46 -29.75
C LYS A 1165 -9.75 18.14 -28.71
N MET A 1166 -10.37 18.71 -27.67
CA MET A 1166 -9.67 19.17 -26.49
C MET A 1166 -10.53 18.87 -25.26
N ASP A 1167 -9.88 18.89 -24.09
CA ASP A 1167 -10.44 18.38 -22.85
C ASP A 1167 -10.62 16.87 -22.87
N THR A 1168 -9.98 16.19 -23.81
CA THR A 1168 -9.96 14.73 -23.82
C THR A 1168 -9.14 14.20 -22.66
N GLU A 1169 -9.56 13.05 -22.13
CA GLU A 1169 -8.74 12.29 -21.20
C GLU A 1169 -7.49 11.76 -21.88
N LEU A 1170 -6.36 11.87 -21.19
CA LEU A 1170 -5.17 11.12 -21.56
C LEU A 1170 -5.26 9.69 -21.04
N ALA A 1171 -4.46 8.81 -21.65
CA ALA A 1171 -4.20 7.51 -21.05
C ALA A 1171 -3.40 7.67 -19.76
N GLU A 1172 -3.40 6.62 -18.94
CA GLU A 1172 -2.62 6.63 -17.73
C GLU A 1172 -1.16 6.97 -18.03
N SER A 1173 -0.61 7.89 -17.25
CA SER A 1173 0.77 8.38 -17.42
C SER A 1173 1.05 8.87 -18.84
N GLY A 1174 0.02 9.17 -19.63
CA GLY A 1174 0.21 9.47 -21.04
C GLY A 1174 0.77 8.35 -21.87
N SER A 1175 0.63 7.12 -21.40
CA SER A 1175 1.25 5.96 -22.04
C SER A 1175 0.84 5.81 -23.51
N ASN A 1176 -0.28 6.40 -23.92
CA ASN A 1176 -0.70 6.41 -25.32
C ASN A 1176 0.13 7.30 -26.25
N PHE A 1177 1.06 8.11 -25.74
CA PHE A 1177 1.96 8.91 -26.57
C PHE A 1177 3.39 8.37 -26.53
N SER A 1178 4.07 8.38 -27.69
CA SER A 1178 5.45 7.97 -27.84
C SER A 1178 6.42 9.09 -27.42
N VAL A 1179 7.66 8.69 -27.11
CA VAL A 1179 8.62 9.58 -26.43
C VAL A 1179 8.83 10.89 -27.17
N GLY A 1180 8.88 10.85 -28.52
CA GLY A 1180 9.00 12.08 -29.27
C GLY A 1180 7.77 12.96 -29.16
N GLN A 1181 6.58 12.36 -29.19
CA GLN A 1181 5.37 13.11 -28.92
C GLN A 1181 5.36 13.68 -27.51
N ARG A 1182 5.74 12.87 -26.51
CA ARG A 1182 5.80 13.36 -25.14
C ARG A 1182 6.69 14.57 -25.02
N GLN A 1183 7.91 14.48 -25.55
CA GLN A 1183 8.83 15.62 -25.54
C GLN A 1183 8.22 16.82 -26.27
N LEU A 1184 7.55 16.58 -27.40
CA LEU A 1184 6.84 17.67 -28.07
C LEU A 1184 5.75 18.31 -27.20
N VAL A 1185 5.12 17.54 -26.31
CA VAL A 1185 4.20 18.17 -25.36
C VAL A 1185 4.93 19.11 -24.42
N CYS A 1186 6.14 18.73 -23.97
CA CYS A 1186 6.95 19.65 -23.20
C CYS A 1186 7.37 20.87 -24.03
N LEU A 1187 7.68 20.66 -25.30
CA LEU A 1187 7.95 21.80 -26.17
C LEU A 1187 6.72 22.68 -26.29
N ALA A 1188 5.52 22.09 -26.28
CA ALA A 1188 4.31 22.89 -26.31
C ALA A 1188 4.17 23.73 -25.04
N ARG A 1189 4.45 23.15 -23.88
CA ARG A 1189 4.44 23.93 -22.64
C ARG A 1189 5.37 25.13 -22.73
N ALA A 1190 6.57 24.93 -23.30
CA ALA A 1190 7.49 26.05 -23.49
C ALA A 1190 6.90 27.08 -24.43
N ILE A 1191 6.27 26.64 -25.53
CA ILE A 1191 5.68 27.56 -26.48
C ILE A 1191 4.58 28.39 -25.82
N LEU A 1192 3.84 27.79 -24.89
CA LEU A 1192 2.69 28.48 -24.29
C LEU A 1192 3.10 29.67 -23.41
N ARG A 1193 4.00 29.47 -22.45
CA ARG A 1193 4.41 30.58 -21.58
C ARG A 1193 5.47 31.45 -22.27
N LYS A 1194 5.35 32.76 -22.09
CA LYS A 1194 6.01 33.75 -22.95
C LYS A 1194 7.34 34.29 -22.42
N ASN A 1195 7.85 33.77 -21.31
CA ASN A 1195 8.96 34.45 -20.62
C ASN A 1195 10.27 34.34 -21.39
N ARG A 1196 11.10 35.38 -21.26
CA ARG A 1196 12.28 35.61 -22.11
C ARG A 1196 13.40 34.58 -21.95
N ILE A 1197 13.50 33.89 -20.83
CA ILE A 1197 14.70 33.13 -20.48
C ILE A 1197 14.41 31.64 -20.62
N LEU A 1198 15.25 30.95 -21.39
CA LEU A 1198 15.13 29.51 -21.61
C LEU A 1198 16.45 28.82 -21.26
N ILE A 1199 16.36 27.75 -20.48
CA ILE A 1199 17.43 26.76 -20.33
C ILE A 1199 16.93 25.46 -20.95
N ILE A 1200 17.71 24.87 -21.83
CA ILE A 1200 17.36 23.57 -22.42
C ILE A 1200 18.23 22.50 -21.77
N ASP A 1201 17.59 21.47 -21.24
CA ASP A 1201 18.29 20.33 -20.64
C ASP A 1201 18.88 19.40 -21.71
N GLU A 1202 19.71 18.47 -21.25
CA GLU A 1202 20.33 17.48 -22.12
C GLU A 1202 19.30 16.63 -22.86
N ALA A 1203 19.59 16.32 -24.13
CA ALA A 1203 18.80 15.34 -24.88
C ALA A 1203 18.88 13.95 -24.24
N THR A 1204 17.74 13.26 -24.18
CA THR A 1204 17.64 11.93 -23.60
C THR A 1204 17.87 10.82 -24.63
N ALA A 1205 17.96 9.58 -24.13
CA ALA A 1205 18.28 8.40 -24.92
C ALA A 1205 17.16 7.93 -25.85
N ASN A 1206 17.58 7.31 -26.96
CA ASN A 1206 16.75 6.60 -27.95
C ASN A 1206 15.63 7.44 -28.56
N VAL A 1207 15.71 8.77 -28.50
CA VAL A 1207 14.76 9.60 -29.26
C VAL A 1207 14.96 9.36 -30.76
N ASP A 1208 13.86 9.46 -31.52
CA ASP A 1208 13.92 9.18 -32.95
C ASP A 1208 14.74 10.24 -33.68
N PRO A 1209 15.43 9.85 -34.77
CA PRO A 1209 16.39 10.75 -35.42
C PRO A 1209 15.81 11.78 -36.37
N ARG A 1210 14.51 12.11 -36.25
CA ARG A 1210 13.87 13.06 -37.16
C ARG A 1210 13.14 14.17 -36.42
N THR A 1211 12.35 13.82 -35.40
CA THR A 1211 11.72 14.86 -34.60
C THR A 1211 12.73 15.66 -33.78
N ASP A 1212 13.86 15.06 -33.44
CA ASP A 1212 14.90 15.80 -32.72
C ASP A 1212 15.41 16.98 -33.53
N GLU A 1213 15.73 16.77 -34.81
CA GLU A 1213 16.11 17.90 -35.66
C GLU A 1213 14.96 18.87 -35.83
N LEU A 1214 13.73 18.37 -35.98
CA LEU A 1214 12.57 19.25 -36.04
C LEU A 1214 12.51 20.14 -34.79
N ILE A 1215 12.68 19.53 -33.62
CA ILE A 1215 12.67 20.27 -32.36
C ILE A 1215 13.77 21.33 -32.35
N GLN A 1216 14.99 20.93 -32.70
CA GLN A 1216 16.10 21.88 -32.74
C GLN A 1216 15.83 23.01 -33.72
N LYS A 1217 15.32 22.67 -34.92
CA LYS A 1217 14.93 23.69 -35.89
C LYS A 1217 13.82 24.60 -35.34
N LYS A 1218 12.75 24.01 -34.81
CA LYS A 1218 11.65 24.82 -34.30
C LYS A 1218 12.10 25.70 -33.12
N ILE A 1219 12.93 25.16 -32.23
CA ILE A 1219 13.43 25.95 -31.11
C ILE A 1219 14.16 27.18 -31.64
N ARG A 1220 15.08 26.96 -32.57
CA ARG A 1220 15.81 28.07 -33.18
C ARG A 1220 14.88 29.04 -33.89
N GLU A 1221 13.86 28.51 -34.58
CA GLU A 1221 12.93 29.36 -35.32
C GLU A 1221 12.06 30.21 -34.40
N LYS A 1222 11.33 29.58 -33.49
CA LYS A 1222 10.40 30.34 -32.64
C LYS A 1222 11.05 31.13 -31.51
N PHE A 1223 11.93 30.53 -30.70
CA PHE A 1223 12.51 31.24 -29.57
C PHE A 1223 13.70 32.13 -29.95
N ALA A 1224 13.79 32.53 -31.23
CA ALA A 1224 14.91 33.34 -31.69
C ALA A 1224 15.04 34.66 -30.91
N HIS A 1225 13.96 35.17 -30.32
CA HIS A 1225 14.00 36.41 -29.56
C HIS A 1225 14.22 36.21 -28.06
N CYS A 1226 14.43 34.98 -27.60
CA CYS A 1226 14.70 34.67 -26.20
C CYS A 1226 16.20 34.68 -25.89
N THR A 1227 16.52 34.90 -24.61
CA THR A 1227 17.84 34.56 -24.08
C THR A 1227 17.87 33.06 -23.79
N VAL A 1228 18.82 32.35 -24.39
CA VAL A 1228 18.85 30.89 -24.35
C VAL A 1228 20.16 30.38 -23.76
N LEU A 1229 20.07 29.57 -22.71
CA LEU A 1229 21.12 28.67 -22.25
C LEU A 1229 20.79 27.24 -22.73
N THR A 1230 21.78 26.37 -22.72
CA THR A 1230 21.52 24.95 -22.95
C THR A 1230 22.57 24.08 -22.27
N ILE A 1231 22.15 22.88 -21.83
CA ILE A 1231 23.06 21.84 -21.36
C ILE A 1231 23.15 20.79 -22.45
N ALA A 1232 24.28 20.70 -23.14
CA ALA A 1232 24.36 19.93 -24.38
C ALA A 1232 24.79 18.48 -24.11
N HIS A 1233 23.95 17.53 -24.50
CA HIS A 1233 24.34 16.12 -24.43
C HIS A 1233 25.34 15.78 -25.53
N ARG A 1234 25.05 16.20 -26.75
CA ARG A 1234 25.96 16.11 -27.89
C ARG A 1234 26.14 17.50 -28.50
N LEU A 1235 27.40 17.83 -28.81
CA LEU A 1235 27.80 19.22 -29.03
C LEU A 1235 27.05 19.87 -30.20
N ASN A 1236 26.79 19.11 -31.27
CA ASN A 1236 26.06 19.65 -32.42
C ASN A 1236 24.77 20.37 -32.03
N THR A 1237 24.12 19.94 -30.95
CA THR A 1237 22.91 20.61 -30.48
C THR A 1237 23.10 22.09 -30.13
N ILE A 1238 24.34 22.58 -29.98
CA ILE A 1238 24.56 23.97 -29.61
C ILE A 1238 25.62 24.69 -30.44
N ILE A 1239 26.19 24.06 -31.47
CA ILE A 1239 27.25 24.73 -32.22
C ILE A 1239 26.77 25.96 -32.98
N ASP A 1240 25.46 26.21 -33.01
CA ASP A 1240 24.92 27.49 -33.46
C ASP A 1240 25.15 28.63 -32.47
N SER A 1241 25.43 28.32 -31.21
CA SER A 1241 25.50 29.34 -30.16
C SER A 1241 26.55 30.41 -30.42
N ASP A 1242 26.30 31.58 -29.80
CA ASP A 1242 27.27 32.67 -29.80
C ASP A 1242 28.51 32.33 -28.97
N LYS A 1243 28.30 31.97 -27.70
CA LYS A 1243 29.37 31.59 -26.78
C LYS A 1243 28.97 30.32 -26.04
N ILE A 1244 29.98 29.58 -25.61
CA ILE A 1244 29.81 28.34 -24.86
C ILE A 1244 30.67 28.41 -23.60
N MET A 1245 30.12 27.91 -22.49
CA MET A 1245 30.85 27.75 -21.25
C MET A 1245 31.38 26.33 -21.10
N VAL A 1246 32.64 26.21 -20.72
CA VAL A 1246 33.31 24.93 -20.52
C VAL A 1246 33.63 24.75 -19.04
N LEU A 1247 33.02 23.74 -18.41
CA LEU A 1247 33.22 23.42 -17.01
C LEU A 1247 34.14 22.20 -16.87
N ASP A 1248 34.90 22.20 -15.78
CA ASP A 1248 35.69 21.04 -15.40
C ASP A 1248 35.93 21.06 -13.89
N SER A 1249 35.84 19.88 -13.28
CA SER A 1249 36.14 19.70 -11.85
C SER A 1249 35.34 20.63 -10.95
N GLY A 1250 34.19 21.10 -11.44
CA GLY A 1250 33.40 22.11 -10.75
C GLY A 1250 33.89 23.53 -10.85
N ARG A 1251 34.54 23.89 -11.94
CA ARG A 1251 35.04 25.24 -12.15
C ARG A 1251 34.91 25.61 -13.63
N LEU A 1252 34.53 26.85 -13.88
CA LEU A 1252 34.48 27.41 -15.22
C LEU A 1252 35.87 27.46 -15.85
N LYS A 1253 36.11 26.60 -16.84
CA LYS A 1253 37.40 26.61 -17.53
C LYS A 1253 37.41 27.65 -18.65
N GLU A 1254 36.38 27.64 -19.49
CA GLU A 1254 36.32 28.49 -20.68
C GLU A 1254 34.91 28.99 -20.90
N TYR A 1255 34.82 30.23 -21.38
CA TYR A 1255 33.56 30.89 -21.75
C TYR A 1255 33.78 31.78 -22.97
N ASP A 1256 33.63 31.19 -24.16
CA ASP A 1256 34.09 31.82 -25.39
C ASP A 1256 33.28 31.29 -26.57
N GLU A 1257 33.43 31.95 -27.70
CA GLU A 1257 32.78 31.53 -28.94
C GLU A 1257 33.29 30.16 -29.39
N PRO A 1258 32.40 29.27 -29.83
CA PRO A 1258 32.86 27.95 -30.29
C PRO A 1258 33.89 28.02 -31.41
N TYR A 1259 33.72 28.93 -32.38
CA TYR A 1259 34.71 29.11 -33.43
C TYR A 1259 36.09 29.42 -32.86
N VAL A 1260 36.18 30.50 -32.08
CA VAL A 1260 37.47 30.89 -31.49
C VAL A 1260 38.02 29.77 -30.63
N LEU A 1261 37.17 29.11 -29.85
CA LEU A 1261 37.61 27.93 -29.11
C LEU A 1261 38.29 26.93 -30.03
N LEU A 1262 37.66 26.58 -31.15
CA LEU A 1262 38.32 25.67 -32.10
C LEU A 1262 39.58 26.27 -32.69
N GLN A 1263 39.66 27.61 -32.77
CA GLN A 1263 40.92 28.23 -33.16
C GLN A 1263 42.00 28.02 -32.10
N ASN A 1264 41.63 28.14 -30.82
CA ASN A 1264 42.53 27.80 -29.72
C ASN A 1264 42.64 26.29 -29.57
N ARG A 1265 43.52 25.70 -30.40
CA ARG A 1265 43.72 24.25 -30.34
C ARG A 1265 44.12 23.77 -28.95
N ASP A 1266 44.65 24.65 -28.11
CA ASP A 1266 44.95 24.28 -26.73
C ASP A 1266 43.71 24.26 -25.85
N SER A 1267 42.59 24.83 -26.32
CA SER A 1267 41.37 24.88 -25.52
C SER A 1267 40.90 23.48 -25.17
N LEU A 1268 40.28 23.36 -23.99
CA LEU A 1268 39.54 22.15 -23.65
C LEU A 1268 38.49 21.82 -24.70
N PHE A 1269 37.79 22.84 -25.20
CA PHE A 1269 36.78 22.61 -26.23
C PHE A 1269 37.41 21.89 -27.43
N TYR A 1270 38.57 22.36 -27.91
CA TYR A 1270 39.27 21.66 -28.98
C TYR A 1270 39.76 20.29 -28.53
N LYS A 1271 40.33 20.21 -27.32
CA LYS A 1271 40.77 18.93 -26.78
C LYS A 1271 39.64 17.91 -26.70
N MET A 1272 38.39 18.37 -26.59
CA MET A 1272 37.27 17.44 -26.71
C MET A 1272 36.90 17.20 -28.17
N VAL A 1273 36.75 18.25 -28.97
CA VAL A 1273 36.34 18.08 -30.36
C VAL A 1273 37.36 17.26 -31.15
N GLN A 1274 38.64 17.34 -30.81
CA GLN A 1274 39.65 16.48 -31.43
C GLN A 1274 39.30 15.00 -31.27
N GLN A 1275 38.61 14.64 -30.18
CA GLN A 1275 38.21 13.27 -29.91
C GLN A 1275 37.08 12.78 -30.81
N LEU A 1276 36.43 13.65 -31.56
CA LEU A 1276 35.28 13.26 -32.37
C LEU A 1276 35.69 12.59 -33.68
N GLY A 1277 36.99 12.47 -33.94
CA GLY A 1277 37.52 11.90 -35.16
C GLY A 1277 37.80 12.91 -36.26
N LYS A 1278 38.67 12.50 -37.17
CA LYS A 1278 39.14 13.39 -38.23
C LYS A 1278 38.00 13.89 -39.10
N ALA A 1279 37.13 12.99 -39.55
CA ALA A 1279 36.00 13.37 -40.38
C ALA A 1279 35.13 14.41 -39.67
N GLU A 1280 34.64 14.07 -38.48
CA GLU A 1280 33.78 15.01 -37.77
C GLU A 1280 34.53 16.28 -37.39
N ALA A 1281 35.82 16.16 -37.04
CA ALA A 1281 36.63 17.34 -36.77
C ALA A 1281 36.69 18.28 -37.97
N ALA A 1282 36.94 17.72 -39.16
CA ALA A 1282 36.98 18.52 -40.38
C ALA A 1282 35.64 19.15 -40.69
N ALA A 1283 34.56 18.36 -40.62
CA ALA A 1283 33.22 18.91 -40.78
C ALA A 1283 32.98 20.07 -39.82
N LEU A 1284 33.29 19.89 -38.54
CA LEU A 1284 33.11 20.97 -37.58
C LEU A 1284 33.99 22.17 -37.93
N THR A 1285 35.22 21.93 -38.37
CA THR A 1285 36.09 23.02 -38.79
C THR A 1285 35.43 23.87 -39.88
N GLU A 1286 35.01 23.24 -40.97
CA GLU A 1286 34.41 23.98 -42.08
C GLU A 1286 33.11 24.65 -41.66
N THR A 1287 32.23 23.94 -40.95
CA THR A 1287 30.97 24.55 -40.53
C THR A 1287 31.21 25.67 -39.53
N ALA A 1288 32.22 25.54 -38.67
CA ALA A 1288 32.58 26.62 -37.76
C ALA A 1288 33.06 27.85 -38.53
N LYS A 1289 34.00 27.67 -39.47
CA LYS A 1289 34.43 28.77 -40.32
C LYS A 1289 33.24 29.43 -41.03
N GLN A 1290 32.35 28.63 -41.61
CA GLN A 1290 31.20 29.18 -42.31
C GLN A 1290 30.32 30.02 -41.38
N VAL A 1291 29.88 29.45 -40.27
CA VAL A 1291 29.01 30.24 -39.39
C VAL A 1291 29.77 31.42 -38.80
N TYR A 1292 31.07 31.28 -38.55
CA TYR A 1292 31.86 32.43 -38.11
C TYR A 1292 31.84 33.55 -39.15
N PHE A 1293 32.13 33.22 -40.41
CA PHE A 1293 31.99 34.20 -41.48
C PHE A 1293 30.61 34.86 -41.47
N LYS A 1294 29.55 34.05 -41.43
CA LYS A 1294 28.20 34.61 -41.37
C LYS A 1294 28.03 35.58 -40.21
N ARG A 1295 28.54 35.23 -39.03
CA ARG A 1295 28.48 36.14 -37.88
C ARG A 1295 29.43 37.32 -38.06
N ASN A 1296 30.52 37.15 -38.80
CA ASN A 1296 31.50 38.22 -38.98
C ASN A 1296 31.03 39.27 -39.97
N TYR A 1297 30.31 38.88 -41.02
CA TYR A 1297 29.83 39.82 -42.03
C TYR A 1297 29.16 41.05 -41.44
N PRO A 1298 28.07 40.92 -40.65
CA PRO A 1298 27.46 42.15 -40.15
C PRO A 1298 28.40 42.98 -39.27
C20 XPG B . -15.11 -8.78 17.96
C19 XPG B . -15.34 -7.35 17.46
C18 XPG B . -15.03 -6.29 18.54
C17 XPG B . -16.01 -6.33 19.73
C16 XPG B . -15.76 -5.15 20.70
C15 XPG B . -16.84 -4.99 21.80
O15 XPG B . -16.57 -3.82 22.53
C14 XPG B . -16.91 -6.13 22.78
C13 XPG B . -15.91 -6.93 23.17
C12 XPG B . -15.99 -8.05 24.20
C11 XPG B . -17.27 -8.06 25.04
O11 XPG B . -17.18 -7.07 26.05
C10 XPG B . -17.36 -9.47 25.63
C9 XPG B . -16.62 -10.32 24.64
O9 XPG B . -16.57 -11.54 24.70
C8 XPG B . -15.96 -9.45 23.57
C7 XPG B . -14.51 -9.88 23.26
C6 XPG B . -14.37 -11.09 22.31
C5 XPG B . -14.63 -10.67 20.85
C4 XPG B . -14.22 -11.76 19.86
C3 XPG B . -12.72 -12.08 19.96
C2 XPG B . -12.47 -13.38 20.76
C1 XPG B . -11.00 -13.59 21.10
O1A XPG B . -10.73 -14.15 22.14
O1B XPG B . -10.14 -13.20 20.32
H1 XPG B . -14.25 -8.88 18.30
H2 XPG B . -15.23 -9.39 17.25
H3 XPG B . -15.73 -9.00 18.63
H4 XPG B . -16.23 -7.25 17.16
H5 XPG B . -14.79 -7.19 16.71
H6 XPG B . -14.16 -6.41 18.85
H7 XPG B . -15.06 -5.44 18.14
H8 XPG B . -16.91 -6.29 19.41
H9 XPG B . -15.94 -7.14 20.20
H10 XPG B . -14.92 -5.24 21.08
H11 XPG B . -15.74 -4.36 20.20
H12 XPG B . -17.67 -4.91 21.37
H13 XPG B . -15.81 -3.93 22.84
H14 XPG B . -17.79 -6.28 23.08
H15 XPG B . -15.02 -6.76 22.86
H16 XPG B . -15.26 -7.97 24.79
H17 XPG B . -18.01 -7.93 24.50
H18 XPG B . -17.13 -6.34 25.66
H19 XPG B . -16.93 -9.53 26.47
H20 XPG B . -18.26 -9.76 25.71
H21 XPG B . -16.49 -9.47 22.81
H22 XPG B . -14.04 -9.15 22.90
H23 XPG B . -14.07 -10.09 24.08
H24 XPG B . -13.49 -11.38 22.41
H25 XPG B . -14.93 -11.79 22.56
H26 XPG B . -15.55 -10.47 20.74
H27 XPG B . -14.16 -9.88 20.66
H28 XPG B . -14.74 -12.54 20.00
H29 XPG B . -14.41 -11.46 18.99
H30 XPG B . -12.37 -12.19 19.10
H31 XPG B . -12.25 -11.36 20.35
H32 XPG B . -12.97 -13.39 21.55
H33 XPG B . -12.76 -14.11 20.24
#